data_8W8J
#
_entry.id   8W8J
#
_cell.length_a   74.668
_cell.length_b   102.380
_cell.length_c   193.477
_cell.angle_alpha   90.000
_cell.angle_beta   90.000
_cell.angle_gamma   90.000
#
_symmetry.space_group_name_H-M   'P 21 21 21'
#
loop_
_entity.id
_entity.type
_entity.pdbx_description
1 polymer 'Proline--tRNA ligase'
2 non-polymer (2~{S})-~{N}-[3-(4-azanyl-5-fluoranyl-quinazolin-7-yl)phenyl]sulfonylpyrrolidine-2-carboxamide
3 non-polymer 1,2-ETHANEDIOL
4 water water
#
_entity_poly.entity_id   1
_entity_poly.type   'polypeptide(L)'
_entity_poly.pdbx_seq_one_letter_code
;MGHHHHHHMRTSQYLLSTLKETPADAVVISHQLLLRAGMIRRLASGLYTWLPMGLRVLRKVETIVREEMNAAGALEVLMP
AVQPAELWQESGRWEQYGPELLRLKDRHEREFCVGPTHEEVITDLARNELNSYKQLPINFYQIQTKFRDEIRPRFGLMRG
REFIMKDAYSFHLSQDSLQQTYDGMYQAYSKIFSRLGLDFRPVQADNGSIGGSGSHEFHVLANSGEDDIVFSDSSDYAAN
IEKAEAVPRESARGSATEDMRLVDTPNTKTIAALVDGFQLPIEKTIKTLVVHGAEEGTLVALIVRGDHELNEIKAANQPL
VASPLVFASEAEIRAAIGAGPGSLGPVNLPIACIVDRSVALMSDFAAGANIEDKHYFGVNWERDLPLPEVADLRNVVEGD
PSPDGKGTLVIKRGIEVGHIFQLGTKYSEAMKLSVLSEQGKPVNLIMGCYGIGVSRVVAAAIEQNHDERGILWPSALAPF
QIALVPLKYETESVKQATDKLYAELTAAGFEVLLDDRDKKTSPGVKFADMELIGIPHRIVISDRGLSEGVLEYKGRRDSE
SQNLPIGELMSFITEKLSR
;
_entity_poly.pdbx_strand_id   A,B
#
# COMPACT_ATOMS: atom_id res chain seq x y z
N HIS A 7 -17.46 22.41 -5.93
CA HIS A 7 -16.39 21.55 -5.36
C HIS A 7 -15.82 22.19 -4.09
N HIS A 8 -16.60 22.20 -3.01
CA HIS A 8 -16.07 22.65 -1.73
C HIS A 8 -15.78 21.45 -0.84
N MET A 9 -14.70 21.56 -0.07
CA MET A 9 -14.45 20.63 1.00
C MET A 9 -15.27 21.06 2.22
N ARG A 10 -16.19 20.18 2.63
CA ARG A 10 -17.26 20.52 3.55
C ARG A 10 -17.22 19.64 4.81
N THR A 11 -17.52 20.24 5.96
CA THR A 11 -17.55 19.53 7.24
C THR A 11 -18.61 18.43 7.23
N SER A 12 -19.72 18.61 6.51
CA SER A 12 -20.77 17.60 6.51
C SER A 12 -20.24 16.29 5.95
N GLN A 13 -19.21 16.37 5.10
CA GLN A 13 -18.57 15.22 4.46
C GLN A 13 -17.36 14.74 5.25
N TYR A 14 -16.52 15.68 5.71
CA TYR A 14 -15.23 15.35 6.31
C TYR A 14 -15.36 14.97 7.80
N LEU A 15 -16.32 15.55 8.54
CA LEU A 15 -16.45 15.31 9.97
C LEU A 15 -17.53 14.24 10.17
N LEU A 16 -17.11 13.00 10.07
CA LEU A 16 -17.95 11.83 10.20
C LEU A 16 -18.25 11.58 11.68
N SER A 17 -19.13 10.59 11.94
CA SER A 17 -19.45 10.18 13.29
C SER A 17 -18.26 9.43 13.89
N THR A 18 -17.96 9.76 15.16
CA THR A 18 -16.87 9.16 15.92
C THR A 18 -17.45 8.31 17.05
N LEU A 19 -18.69 7.80 16.87
CA LEU A 19 -19.36 7.00 17.88
C LEU A 19 -19.09 5.50 17.69
N LYS A 20 -19.49 4.70 18.69
CA LYS A 20 -19.14 3.29 18.79
C LYS A 20 -17.63 3.15 18.95
N GLU A 21 -17.02 4.16 19.61
CA GLU A 21 -15.62 4.13 20.00
C GLU A 21 -15.59 4.12 21.52
N THR A 22 -15.19 2.98 22.11
CA THR A 22 -15.13 2.83 23.56
C THR A 22 -13.91 3.59 24.09
N PRO A 23 -14.12 4.63 24.94
CA PRO A 23 -13.00 5.46 25.40
C PRO A 23 -11.94 4.77 26.23
N ALA A 24 -12.31 3.66 26.90
CA ALA A 24 -11.35 2.77 27.55
C ALA A 24 -10.31 2.23 26.57
N ASP A 25 -10.65 2.24 25.26
CA ASP A 25 -9.81 1.60 24.26
C ASP A 25 -8.63 2.49 23.86
N ALA A 26 -8.74 3.83 24.04
CA ALA A 26 -7.64 4.73 23.74
C ALA A 26 -7.06 5.35 25.01
N VAL A 27 -5.76 5.14 25.25
CA VAL A 27 -5.14 5.56 26.50
C VAL A 27 -3.98 6.54 26.30
N VAL A 28 -3.43 6.69 25.09
CA VAL A 28 -2.44 7.73 24.85
C VAL A 28 -3.12 8.87 24.06
N ILE A 29 -2.60 10.09 24.18
CA ILE A 29 -3.32 11.27 23.74
C ILE A 29 -3.46 11.27 22.21
N SER A 30 -2.42 10.82 21.49
CA SER A 30 -2.47 10.81 20.02
C SER A 30 -3.57 9.89 19.55
N HIS A 31 -3.76 8.75 20.23
CA HIS A 31 -4.79 7.79 19.86
C HIS A 31 -6.16 8.40 20.10
N GLN A 32 -6.34 8.96 21.31
CA GLN A 32 -7.60 9.60 21.67
C GLN A 32 -7.97 10.69 20.65
N LEU A 33 -7.00 11.55 20.31
CA LEU A 33 -7.29 12.69 19.45
C LEU A 33 -7.43 12.29 17.99
N LEU A 34 -6.66 11.30 17.51
CA LEU A 34 -6.85 10.83 16.15
C LEU A 34 -8.25 10.23 15.97
N LEU A 35 -8.78 9.56 17.02
CA LEU A 35 -10.15 9.07 16.95
C LEU A 35 -11.15 10.23 17.00
N ARG A 36 -11.00 11.10 17.99
N ARG A 36 -11.01 11.09 18.02
CA ARG A 36 -11.99 12.12 18.25
CA ARG A 36 -11.96 12.16 18.28
C ARG A 36 -12.03 13.15 17.11
C ARG A 36 -12.03 13.15 17.12
N ALA A 37 -10.88 13.38 16.46
CA ALA A 37 -10.79 14.32 15.36
C ALA A 37 -11.23 13.71 14.01
N GLY A 38 -11.69 12.45 14.01
CA GLY A 38 -12.16 11.84 12.77
C GLY A 38 -11.05 11.55 11.78
N MET A 39 -9.87 11.15 12.29
CA MET A 39 -8.73 10.93 11.41
C MET A 39 -8.46 9.45 11.14
N ILE A 40 -8.73 8.56 12.10
CA ILE A 40 -8.56 7.12 11.93
C ILE A 40 -9.78 6.40 12.50
N ARG A 41 -9.99 5.15 12.06
CA ARG A 41 -11.02 4.28 12.62
C ARG A 41 -10.46 2.85 12.64
N ARG A 42 -10.68 2.17 13.77
CA ARG A 42 -10.20 0.81 13.94
C ARG A 42 -11.00 -0.14 13.07
N LEU A 43 -10.29 -1.06 12.39
CA LEU A 43 -10.91 -2.20 11.74
C LEU A 43 -10.82 -3.44 12.63
N ALA A 44 -9.63 -3.65 13.18
CA ALA A 44 -9.36 -4.76 14.08
C ALA A 44 -8.05 -4.47 14.80
N SER A 45 -7.58 -5.42 15.63
CA SER A 45 -6.39 -5.21 16.43
C SER A 45 -5.21 -4.75 15.57
N GLY A 46 -4.77 -3.51 15.78
CA GLY A 46 -3.60 -2.96 15.10
C GLY A 46 -3.84 -2.61 13.63
N LEU A 47 -5.11 -2.59 13.21
CA LEU A 47 -5.46 -2.28 11.83
C LEU A 47 -6.42 -1.09 11.81
N TYR A 48 -5.97 0.01 11.19
CA TYR A 48 -6.74 1.24 11.19
C TYR A 48 -6.90 1.77 9.77
N THR A 49 -8.10 2.27 9.49
CA THR A 49 -8.37 3.07 8.31
C THR A 49 -8.01 4.53 8.55
N TRP A 50 -7.37 5.13 7.55
CA TRP A 50 -7.19 6.57 7.46
C TRP A 50 -8.49 7.16 6.90
N LEU A 51 -9.20 7.90 7.73
CA LEU A 51 -10.38 8.64 7.32
C LEU A 51 -9.93 9.86 6.51
N PRO A 52 -10.85 10.51 5.77
CA PRO A 52 -10.44 11.59 4.86
C PRO A 52 -9.54 12.65 5.47
N MET A 53 -9.85 13.10 6.69
CA MET A 53 -9.06 14.13 7.35
C MET A 53 -7.66 13.61 7.69
N GLY A 54 -7.57 12.38 8.17
CA GLY A 54 -6.28 11.84 8.57
C GLY A 54 -5.38 11.58 7.37
N LEU A 55 -5.98 11.13 6.26
CA LEU A 55 -5.19 10.81 5.09
C LEU A 55 -4.49 12.07 4.58
N ARG A 56 -5.18 13.22 4.65
CA ARG A 56 -4.57 14.49 4.28
C ARG A 56 -3.25 14.71 5.01
N VAL A 57 -3.20 14.38 6.32
CA VAL A 57 -2.00 14.58 7.12
C VAL A 57 -0.92 13.57 6.69
N LEU A 58 -1.30 12.29 6.54
CA LEU A 58 -0.36 11.26 6.11
C LEU A 58 0.34 11.65 4.81
N ARG A 59 -0.42 12.16 3.82
CA ARG A 59 0.14 12.52 2.53
C ARG A 59 1.15 13.67 2.65
N LYS A 60 0.97 14.58 3.61
CA LYS A 60 1.91 15.67 3.79
C LYS A 60 3.24 15.17 4.33
N VAL A 61 3.18 14.17 5.22
CA VAL A 61 4.39 13.51 5.72
C VAL A 61 5.09 12.81 4.55
N GLU A 62 4.32 12.03 3.77
CA GLU A 62 4.90 11.27 2.68
C GLU A 62 5.58 12.21 1.67
N THR A 63 4.95 13.35 1.39
CA THR A 63 5.50 14.26 0.38
C THR A 63 6.88 14.78 0.80
N ILE A 64 6.98 15.23 2.05
CA ILE A 64 8.22 15.75 2.59
C ILE A 64 9.29 14.65 2.60
N VAL A 65 8.92 13.43 3.01
CA VAL A 65 9.86 12.32 3.02
C VAL A 65 10.37 12.05 1.60
N ARG A 66 9.46 12.01 0.63
CA ARG A 66 9.84 11.71 -0.76
C ARG A 66 10.75 12.81 -1.29
N GLU A 67 10.42 14.07 -1.00
CA GLU A 67 11.21 15.18 -1.48
C GLU A 67 12.65 15.07 -0.99
N GLU A 68 12.83 14.73 0.29
CA GLU A 68 14.17 14.73 0.87
C GLU A 68 14.93 13.46 0.50
N MET A 69 14.24 12.34 0.29
CA MET A 69 14.90 11.14 -0.20
C MET A 69 15.40 11.37 -1.63
N ASN A 70 14.58 12.04 -2.45
CA ASN A 70 14.94 12.34 -3.82
C ASN A 70 16.14 13.28 -3.86
N ALA A 71 16.13 14.31 -3.00
CA ALA A 71 17.21 15.28 -2.96
C ALA A 71 18.54 14.64 -2.55
N ALA A 72 18.48 13.53 -1.78
CA ALA A 72 19.67 12.83 -1.35
C ALA A 72 20.12 11.78 -2.37
N GLY A 73 19.45 11.73 -3.53
CA GLY A 73 19.91 10.88 -4.63
C GLY A 73 19.33 9.46 -4.59
N ALA A 74 18.35 9.20 -3.72
CA ALA A 74 17.75 7.87 -3.67
C ALA A 74 16.69 7.73 -4.77
N LEU A 75 16.49 6.49 -5.24
CA LEU A 75 15.59 6.15 -6.34
C LEU A 75 14.37 5.41 -5.81
N GLU A 76 13.19 5.95 -6.09
CA GLU A 76 11.97 5.36 -5.54
C GLU A 76 11.56 4.17 -6.39
N VAL A 77 11.24 3.08 -5.69
CA VAL A 77 10.71 1.84 -6.24
C VAL A 77 9.44 1.49 -5.44
N LEU A 78 8.77 0.42 -5.84
CA LEU A 78 7.68 -0.10 -5.03
C LEU A 78 7.67 -1.62 -5.15
N MET A 79 7.93 -2.28 -4.02
CA MET A 79 8.11 -3.72 -3.97
C MET A 79 6.84 -4.37 -3.43
N PRO A 80 6.60 -5.67 -3.71
CA PRO A 80 5.39 -6.33 -3.21
C PRO A 80 5.38 -6.51 -1.69
N ALA A 81 4.16 -6.63 -1.15
CA ALA A 81 3.97 -6.96 0.26
C ALA A 81 4.15 -8.46 0.46
N VAL A 82 3.50 -9.27 -0.37
CA VAL A 82 3.59 -10.72 -0.23
C VAL A 82 4.91 -11.17 -0.84
N GLN A 83 5.67 -11.98 -0.11
CA GLN A 83 7.04 -12.30 -0.47
C GLN A 83 7.29 -13.80 -0.29
N PRO A 84 7.98 -14.45 -1.26
CA PRO A 84 8.23 -15.89 -1.19
C PRO A 84 9.13 -16.29 -0.01
N ALA A 85 8.75 -17.36 0.66
CA ALA A 85 9.48 -17.86 1.82
C ALA A 85 10.91 -18.22 1.44
N GLU A 86 11.15 -18.65 0.20
CA GLU A 86 12.48 -19.11 -0.20
C GLU A 86 13.53 -18.01 0.00
N LEU A 87 13.18 -16.75 -0.27
CA LEU A 87 14.10 -15.64 -0.05
C LEU A 87 14.44 -15.48 1.43
N TRP A 88 13.42 -15.60 2.27
CA TRP A 88 13.56 -15.51 3.71
C TRP A 88 14.38 -16.68 4.26
N GLN A 89 14.35 -17.84 3.57
CA GLN A 89 15.16 -18.96 4.01
C GLN A 89 16.63 -18.71 3.65
N GLU A 90 16.91 -17.98 2.57
CA GLU A 90 18.29 -17.68 2.20
C GLU A 90 18.96 -16.83 3.28
N SER A 91 18.21 -15.88 3.86
CA SER A 91 18.76 -14.98 4.86
C SER A 91 18.75 -15.63 6.24
N GLY A 92 17.87 -16.62 6.41
CA GLY A 92 17.66 -17.27 7.69
C GLY A 92 16.51 -16.64 8.50
N ARG A 93 15.97 -15.52 8.04
CA ARG A 93 14.96 -14.81 8.83
C ARG A 93 13.61 -15.52 8.78
N TRP A 94 13.40 -16.42 7.81
CA TRP A 94 12.15 -17.16 7.76
C TRP A 94 11.86 -17.75 9.13
N GLU A 95 12.88 -18.34 9.77
CA GLU A 95 12.74 -18.85 11.13
C GLU A 95 13.11 -17.80 12.18
N GLN A 96 14.19 -17.04 11.93
CA GLN A 96 14.78 -16.20 12.96
C GLN A 96 13.92 -14.97 13.28
N TYR A 97 13.08 -14.51 12.33
CA TYR A 97 12.39 -13.24 12.54
C TYR A 97 11.48 -13.38 13.76
N GLY A 98 10.92 -14.57 13.99
CA GLY A 98 10.03 -14.80 15.11
C GLY A 98 8.56 -14.61 14.75
N PRO A 99 7.65 -14.63 15.75
CA PRO A 99 6.21 -14.62 15.49
C PRO A 99 5.63 -13.32 14.95
N GLU A 100 6.43 -12.24 14.88
CA GLU A 100 5.94 -11.02 14.25
C GLU A 100 5.88 -11.20 12.72
N LEU A 101 6.53 -12.22 12.17
CA LEU A 101 6.40 -12.47 10.74
C LEU A 101 5.07 -13.17 10.47
N LEU A 102 4.22 -12.56 9.64
CA LEU A 102 2.94 -13.16 9.28
C LEU A 102 3.15 -14.07 8.07
N ARG A 103 3.02 -15.39 8.29
CA ARG A 103 3.33 -16.39 7.28
C ARG A 103 2.02 -16.88 6.68
N LEU A 104 2.02 -17.28 5.40
CA LEU A 104 0.81 -17.81 4.81
C LEU A 104 1.13 -18.76 3.66
N LYS A 105 0.10 -19.42 3.15
CA LYS A 105 0.22 -20.30 2.00
C LYS A 105 -0.81 -19.87 0.97
N ASP A 106 -0.43 -19.93 -0.30
CA ASP A 106 -1.36 -19.63 -1.37
C ASP A 106 -2.11 -20.91 -1.77
N ARG A 107 -2.97 -20.78 -2.78
CA ARG A 107 -3.86 -21.87 -3.17
C ARG A 107 -3.07 -23.04 -3.78
N HIS A 108 -1.79 -22.85 -4.12
CA HIS A 108 -0.96 -23.92 -4.65
C HIS A 108 -0.04 -24.49 -3.55
N GLU A 109 -0.33 -24.17 -2.29
CA GLU A 109 0.46 -24.59 -1.14
C GLU A 109 1.87 -23.98 -1.14
N ARG A 110 2.11 -22.92 -1.91
CA ARG A 110 3.38 -22.21 -1.79
C ARG A 110 3.35 -21.26 -0.58
N GLU A 111 4.54 -21.05 0.01
CA GLU A 111 4.67 -20.32 1.27
C GLU A 111 5.22 -18.91 1.04
N PHE A 112 4.68 -17.97 1.83
CA PHE A 112 4.98 -16.56 1.71
C PHE A 112 4.91 -15.92 3.10
N CYS A 113 5.42 -14.70 3.20
CA CYS A 113 5.08 -13.84 4.31
C CYS A 113 4.50 -12.55 3.75
N VAL A 114 3.82 -11.79 4.62
CA VAL A 114 3.59 -10.38 4.35
C VAL A 114 4.81 -9.63 4.89
N GLY A 115 5.41 -8.79 4.05
CA GLY A 115 6.69 -8.18 4.37
C GLY A 115 6.62 -7.29 5.61
N PRO A 116 7.43 -7.57 6.65
CA PRO A 116 7.64 -6.61 7.75
C PRO A 116 8.68 -5.55 7.45
N THR A 117 9.44 -5.80 6.36
CA THR A 117 10.61 -5.06 5.90
C THR A 117 11.09 -5.82 4.66
N HIS A 118 12.06 -5.29 3.90
CA HIS A 118 12.28 -5.78 2.54
C HIS A 118 13.75 -6.04 2.20
N GLU A 119 14.60 -6.28 3.20
CA GLU A 119 16.02 -6.53 2.89
C GLU A 119 16.18 -7.66 1.86
N GLU A 120 15.50 -8.79 2.07
CA GLU A 120 15.66 -9.94 1.18
C GLU A 120 15.17 -9.60 -0.23
N VAL A 121 14.02 -8.93 -0.34
CA VAL A 121 13.49 -8.61 -1.67
C VAL A 121 14.43 -7.68 -2.42
N ILE A 122 14.94 -6.64 -1.76
CA ILE A 122 15.79 -5.67 -2.43
C ILE A 122 17.15 -6.31 -2.76
N THR A 123 17.60 -7.27 -1.95
CA THR A 123 18.85 -7.97 -2.23
C THR A 123 18.66 -8.83 -3.47
N ASP A 124 17.51 -9.52 -3.56
CA ASP A 124 17.15 -10.32 -4.71
C ASP A 124 17.12 -9.43 -5.96
N LEU A 125 16.56 -8.22 -5.81
CA LEU A 125 16.49 -7.28 -6.92
C LEU A 125 17.89 -6.92 -7.37
N ALA A 126 18.73 -6.53 -6.39
CA ALA A 126 20.07 -6.04 -6.68
C ALA A 126 20.89 -7.12 -7.39
N ARG A 127 20.74 -8.39 -7.02
CA ARG A 127 21.60 -9.40 -7.61
C ARG A 127 21.18 -9.65 -9.06
N ASN A 128 19.98 -9.19 -9.44
CA ASN A 128 19.51 -9.26 -10.81
C ASN A 128 19.69 -7.96 -11.58
N GLU A 129 19.80 -6.81 -10.89
CA GLU A 129 19.78 -5.53 -11.56
C GLU A 129 21.15 -4.84 -11.52
N LEU A 130 21.98 -5.15 -10.52
CA LEU A 130 23.29 -4.51 -10.36
C LEU A 130 24.37 -5.48 -10.85
N ASN A 131 24.97 -5.16 -12.00
CA ASN A 131 25.94 -6.03 -12.64
C ASN A 131 27.26 -5.31 -12.90
N SER A 132 27.33 -3.99 -12.65
CA SER A 132 28.53 -3.20 -12.92
C SER A 132 28.82 -2.20 -11.80
N TYR A 133 30.13 -1.95 -11.59
CA TYR A 133 30.62 -1.00 -10.59
C TYR A 133 30.20 0.41 -10.96
N LYS A 134 29.91 0.66 -12.25
CA LYS A 134 29.53 1.97 -12.75
C LYS A 134 28.14 2.37 -12.23
N GLN A 135 27.39 1.39 -11.73
CA GLN A 135 26.05 1.62 -11.19
C GLN A 135 26.10 2.01 -9.71
N LEU A 136 27.27 1.89 -9.09
CA LEU A 136 27.40 2.05 -7.64
C LEU A 136 28.13 3.34 -7.29
N PRO A 137 27.83 3.99 -6.14
CA PRO A 137 26.78 3.54 -5.22
C PRO A 137 25.34 3.80 -5.70
N ILE A 138 24.39 3.06 -5.12
CA ILE A 138 23.00 3.27 -5.44
C ILE A 138 22.17 3.05 -4.16
N ASN A 139 21.05 3.79 -4.11
CA ASN A 139 20.15 3.80 -2.96
C ASN A 139 18.72 3.74 -3.48
N PHE A 140 18.02 2.63 -3.17
CA PHE A 140 16.62 2.47 -3.54
C PHE A 140 15.75 2.63 -2.29
N TYR A 141 14.56 3.19 -2.46
CA TYR A 141 13.63 3.35 -1.35
C TYR A 141 12.20 3.16 -1.84
N GLN A 142 11.32 2.84 -0.89
CA GLN A 142 9.89 2.84 -1.13
C GLN A 142 9.17 3.45 0.07
N ILE A 143 7.95 3.89 -0.18
CA ILE A 143 6.99 4.18 0.86
C ILE A 143 5.87 3.17 0.69
N GLN A 144 5.77 2.24 1.66
CA GLN A 144 4.99 1.01 1.43
C GLN A 144 4.53 0.47 2.78
N THR A 145 3.36 -0.20 2.77
CA THR A 145 2.73 -0.71 3.96
C THR A 145 3.33 -2.05 4.38
N LYS A 146 3.83 -2.08 5.63
CA LYS A 146 4.39 -3.26 6.26
C LYS A 146 3.34 -3.92 7.15
N PHE A 147 3.57 -5.21 7.45
CA PHE A 147 2.83 -5.90 8.50
C PHE A 147 3.81 -6.51 9.48
N ARG A 148 3.63 -6.21 10.77
CA ARG A 148 4.34 -6.92 11.83
C ARG A 148 3.31 -7.35 12.87
N ASP A 149 3.30 -8.65 13.20
CA ASP A 149 2.29 -9.20 14.08
C ASP A 149 2.71 -9.00 15.53
N GLU A 150 2.78 -7.72 15.92
CA GLU A 150 3.01 -7.25 17.28
C GLU A 150 2.08 -8.00 18.25
N ILE A 151 2.63 -8.57 19.32
CA ILE A 151 1.83 -9.43 20.20
C ILE A 151 0.64 -8.70 20.81
N ARG A 152 0.83 -7.44 21.24
CA ARG A 152 -0.24 -6.65 21.84
C ARG A 152 -0.30 -5.29 21.13
N PRO A 153 -0.93 -5.20 19.94
CA PRO A 153 -1.05 -3.90 19.25
C PRO A 153 -1.74 -2.93 20.16
N ARG A 154 -1.18 -1.71 20.27
CA ARG A 154 -1.67 -0.73 21.23
C ARG A 154 -1.20 0.66 20.82
N PHE A 155 -1.67 1.68 21.55
CA PHE A 155 -1.22 3.06 21.35
C PHE A 155 -1.56 3.56 19.95
N GLY A 156 -2.69 3.11 19.41
CA GLY A 156 -3.16 3.57 18.11
C GLY A 156 -2.14 3.27 17.00
N LEU A 157 -1.67 4.32 16.33
CA LEU A 157 -0.74 4.17 15.23
C LEU A 157 0.69 3.84 15.69
N MET A 158 0.98 4.01 16.98
CA MET A 158 2.36 3.87 17.43
C MET A 158 2.82 2.42 17.41
N ARG A 159 1.92 1.48 17.75
CA ARG A 159 2.24 0.06 17.71
C ARG A 159 1.11 -0.68 17.01
N GLY A 160 0.96 -0.36 15.72
CA GLY A 160 -0.01 -1.04 14.88
C GLY A 160 0.59 -2.34 14.37
N ARG A 161 -0.22 -3.11 13.64
CA ARG A 161 0.31 -4.26 12.92
C ARG A 161 0.55 -3.90 11.46
N GLU A 162 -0.40 -3.18 10.85
CA GLU A 162 -0.19 -2.65 9.51
C GLU A 162 0.16 -1.17 9.64
N PHE A 163 1.29 -0.77 9.05
CA PHE A 163 1.77 0.59 9.16
C PHE A 163 2.58 0.95 7.92
N ILE A 164 2.74 2.26 7.68
CA ILE A 164 3.49 2.75 6.55
C ILE A 164 4.92 3.04 6.99
N MET A 165 5.86 2.53 6.19
CA MET A 165 7.27 2.78 6.40
C MET A 165 7.86 3.33 5.10
N LYS A 166 8.75 4.33 5.21
CA LYS A 166 9.72 4.59 4.16
C LYS A 166 10.97 3.76 4.49
N ASP A 167 11.31 2.81 3.60
CA ASP A 167 12.46 1.95 3.78
C ASP A 167 13.37 2.13 2.56
N ALA A 168 14.64 2.47 2.83
CA ALA A 168 15.67 2.65 1.82
C ALA A 168 16.82 1.68 2.08
N TYR A 169 17.50 1.31 0.99
CA TYR A 169 18.54 0.29 0.99
C TYR A 169 19.63 0.72 0.02
N SER A 170 20.87 0.83 0.52
CA SER A 170 21.97 1.34 -0.31
C SER A 170 23.02 0.25 -0.50
N PHE A 171 23.73 0.32 -1.64
CA PHE A 171 24.63 -0.72 -2.09
C PHE A 171 25.96 -0.08 -2.49
N HIS A 172 27.07 -0.69 -2.03
CA HIS A 172 28.39 -0.08 -2.10
C HIS A 172 29.49 -1.12 -2.34
N LEU A 173 30.58 -0.65 -2.97
CA LEU A 173 31.78 -1.45 -3.19
C LEU A 173 32.78 -1.30 -2.04
N SER A 174 32.56 -0.31 -1.17
CA SER A 174 33.46 -0.08 -0.05
C SER A 174 32.73 0.49 1.16
N GLN A 175 33.39 0.40 2.32
CA GLN A 175 32.86 0.91 3.58
C GLN A 175 32.80 2.43 3.56
N ASP A 176 33.81 3.08 2.96
N ASP A 176 33.81 3.08 2.96
CA ASP A 176 33.85 4.53 2.85
CA ASP A 176 33.85 4.53 2.85
C ASP A 176 32.67 5.01 2.00
C ASP A 176 32.67 5.01 2.00
N SER A 177 32.36 4.29 0.92
CA SER A 177 31.21 4.62 0.09
C SER A 177 29.93 4.53 0.93
N LEU A 178 29.77 3.43 1.67
CA LEU A 178 28.60 3.27 2.52
C LEU A 178 28.51 4.43 3.52
N GLN A 179 29.64 4.79 4.16
CA GLN A 179 29.63 5.84 5.17
C GLN A 179 29.12 7.14 4.57
N GLN A 180 29.52 7.44 3.33
CA GLN A 180 29.09 8.66 2.68
C GLN A 180 27.57 8.68 2.49
N THR A 181 26.99 7.59 2.01
CA THR A 181 25.55 7.52 1.82
C THR A 181 24.86 7.57 3.18
N TYR A 182 25.38 6.81 4.16
CA TYR A 182 24.82 6.75 5.51
C TYR A 182 24.75 8.15 6.13
N ASP A 183 25.83 8.93 6.00
CA ASP A 183 25.85 10.30 6.52
C ASP A 183 24.84 11.15 5.75
N GLY A 184 24.74 10.93 4.44
CA GLY A 184 23.74 11.63 3.64
C GLY A 184 22.31 11.29 4.07
N MET A 185 22.07 10.03 4.47
CA MET A 185 20.73 9.66 4.94
C MET A 185 20.47 10.31 6.31
N TYR A 186 21.47 10.31 7.20
CA TYR A 186 21.34 10.98 8.49
C TYR A 186 20.97 12.45 8.30
N GLN A 187 21.65 13.12 7.37
CA GLN A 187 21.39 14.53 7.08
C GLN A 187 19.98 14.68 6.48
N ALA A 188 19.56 13.76 5.60
CA ALA A 188 18.24 13.85 4.99
C ALA A 188 17.15 13.70 6.05
N TYR A 189 17.36 12.78 7.00
CA TYR A 189 16.41 12.55 8.08
C TYR A 189 16.27 13.82 8.92
N SER A 190 17.39 14.49 9.20
N SER A 190 17.39 14.48 9.19
CA SER A 190 17.37 15.72 9.98
CA SER A 190 17.40 15.70 9.96
C SER A 190 16.52 16.77 9.26
C SER A 190 16.53 16.76 9.27
N LYS A 191 16.69 16.88 7.95
CA LYS A 191 15.93 17.82 7.13
C LYS A 191 14.45 17.46 7.15
N ILE A 192 14.12 16.15 7.06
CA ILE A 192 12.73 15.69 7.10
C ILE A 192 12.07 16.10 8.41
N PHE A 193 12.65 15.74 9.55
CA PHE A 193 12.01 16.01 10.84
C PHE A 193 12.00 17.50 11.13
N SER A 194 12.99 18.27 10.63
CA SER A 194 12.95 19.72 10.72
C SER A 194 11.76 20.29 9.96
N ARG A 195 11.61 19.86 8.70
CA ARG A 195 10.53 20.38 7.86
C ARG A 195 9.16 19.99 8.39
N LEU A 196 9.08 18.85 9.10
CA LEU A 196 7.84 18.41 9.73
C LEU A 196 7.56 19.19 11.03
N GLY A 197 8.49 20.04 11.45
CA GLY A 197 8.24 20.94 12.58
C GLY A 197 8.22 20.23 13.92
N LEU A 198 8.95 19.12 14.01
CA LEU A 198 9.02 18.30 15.20
C LEU A 198 10.30 18.62 15.96
N ASP A 199 10.21 18.63 17.29
CA ASP A 199 11.40 18.65 18.12
C ASP A 199 11.89 17.21 18.23
N PHE A 200 13.09 16.97 17.71
CA PHE A 200 13.60 15.62 17.53
C PHE A 200 15.09 15.60 17.80
N ARG A 201 15.63 14.41 18.04
CA ARG A 201 17.06 14.22 18.19
C ARG A 201 17.46 12.89 17.56
N PRO A 202 18.57 12.89 16.79
CA PRO A 202 19.29 11.67 16.45
C PRO A 202 20.09 11.20 17.66
N VAL A 203 20.16 9.87 17.83
CA VAL A 203 20.93 9.27 18.90
C VAL A 203 21.68 8.06 18.35
N GLN A 204 22.82 7.74 18.98
CA GLN A 204 23.52 6.50 18.67
C GLN A 204 22.67 5.34 19.15
N ALA A 205 22.67 4.24 18.39
CA ALA A 205 21.88 3.05 18.72
C ALA A 205 22.75 1.81 18.66
N ASP A 206 22.25 0.69 19.18
CA ASP A 206 23.00 -0.56 19.20
C ASP A 206 23.16 -1.12 17.79
N ASN A 207 24.36 -1.61 17.43
CA ASN A 207 24.51 -2.26 16.14
C ASN A 207 25.12 -3.65 16.33
N GLY A 208 24.97 -4.21 17.53
CA GLY A 208 25.22 -5.62 17.77
C GLY A 208 26.68 -5.92 18.13
N SER A 209 27.40 -4.93 18.65
CA SER A 209 28.75 -5.14 19.18
C SER A 209 29.13 -3.99 20.13
N ILE A 210 30.21 -4.21 20.89
CA ILE A 210 30.73 -3.23 21.82
C ILE A 210 31.37 -2.08 21.03
N GLY A 211 30.94 -0.84 21.31
CA GLY A 211 31.46 0.34 20.65
C GLY A 211 31.04 0.39 19.18
N GLY A 212 31.56 1.38 18.44
CA GLY A 212 31.21 1.54 17.04
C GLY A 212 29.96 2.40 16.88
N SER A 213 29.62 2.70 15.61
CA SER A 213 28.69 3.77 15.31
C SER A 213 27.88 3.44 14.06
N GLY A 214 27.56 2.14 13.91
CA GLY A 214 26.90 1.65 12.72
C GLY A 214 25.37 1.77 12.75
N SER A 215 24.80 2.41 13.77
CA SER A 215 23.35 2.55 13.81
C SER A 215 22.97 3.80 14.57
N HIS A 216 21.97 4.54 14.06
CA HIS A 216 21.42 5.70 14.75
C HIS A 216 19.89 5.65 14.72
N GLU A 217 19.27 6.18 15.77
CA GLU A 217 17.81 6.35 15.81
C GLU A 217 17.48 7.84 15.78
N PHE A 218 16.31 8.17 15.23
CA PHE A 218 15.77 9.51 15.34
C PHE A 218 14.51 9.43 16.20
N HIS A 219 14.44 10.30 17.21
CA HIS A 219 13.36 10.31 18.18
C HIS A 219 12.66 11.66 18.20
N VAL A 220 11.32 11.62 18.26
CA VAL A 220 10.53 12.77 18.63
C VAL A 220 10.49 12.84 20.16
N LEU A 221 10.88 14.00 20.72
CA LEU A 221 10.83 14.18 22.16
C LEU A 221 9.37 14.29 22.62
N ALA A 222 8.97 13.42 23.56
CA ALA A 222 7.64 13.48 24.12
C ALA A 222 7.61 12.78 25.47
N ASN A 223 6.80 13.31 26.39
CA ASN A 223 6.67 12.77 27.73
C ASN A 223 6.20 11.32 27.73
N SER A 224 5.40 10.90 26.73
CA SER A 224 4.85 9.55 26.66
C SER A 224 5.79 8.57 25.98
N GLY A 225 6.91 9.04 25.45
CA GLY A 225 7.79 8.18 24.67
C GLY A 225 8.25 6.95 25.47
N GLU A 226 8.28 5.78 24.81
CA GLU A 226 8.62 4.52 25.46
C GLU A 226 10.13 4.32 25.58
N ASP A 227 10.91 5.09 24.80
CA ASP A 227 12.34 4.88 24.72
C ASP A 227 13.04 5.90 25.62
N ASP A 228 13.96 5.42 26.46
CA ASP A 228 14.87 6.28 27.19
C ASP A 228 16.05 6.63 26.29
N ILE A 229 16.29 7.93 26.14
CA ILE A 229 17.36 8.47 25.32
C ILE A 229 18.20 9.40 26.19
N VAL A 230 19.52 9.36 25.93
CA VAL A 230 20.49 9.88 26.86
C VAL A 230 21.28 10.98 26.17
N PHE A 231 21.43 12.12 26.86
CA PHE A 231 22.18 13.25 26.35
C PHE A 231 23.16 13.78 27.40
N SER A 232 24.32 14.25 26.94
CA SER A 232 25.18 15.09 27.76
C SER A 232 24.56 16.47 27.88
N ASP A 233 24.69 17.09 29.05
CA ASP A 233 24.22 18.45 29.23
C ASP A 233 25.24 19.45 28.68
N SER A 234 26.39 18.99 28.17
CA SER A 234 27.47 19.88 27.76
C SER A 234 28.05 19.55 26.38
N SER A 235 27.79 18.37 25.83
CA SER A 235 28.38 17.97 24.56
C SER A 235 27.27 17.51 23.62
N ASP A 236 27.66 17.04 22.43
N ASP A 236 27.65 17.05 22.42
CA ASP A 236 26.74 16.50 21.44
CA ASP A 236 26.70 16.53 21.46
C ASP A 236 26.51 15.01 21.65
C ASP A 236 26.38 15.06 21.74
N TYR A 237 26.99 14.47 22.78
CA TYR A 237 26.78 13.07 23.09
C TYR A 237 25.29 12.77 23.19
N ALA A 238 24.85 11.74 22.43
CA ALA A 238 23.46 11.35 22.41
C ALA A 238 23.36 9.87 22.05
N ALA A 239 22.67 9.09 22.88
CA ALA A 239 22.57 7.65 22.68
C ALA A 239 21.29 7.13 23.33
N ASN A 240 20.65 6.13 22.72
N ASN A 240 20.70 6.12 22.70
CA ASN A 240 19.57 5.47 23.44
CA ASN A 240 19.67 5.32 23.33
C ASN A 240 20.22 4.73 24.60
C ASN A 240 20.27 4.72 24.63
N ILE A 241 19.42 4.42 25.62
CA ILE A 241 19.93 3.83 26.85
C ILE A 241 20.53 2.46 26.60
N GLU A 242 20.07 1.73 25.56
CA GLU A 242 20.70 0.47 25.18
C GLU A 242 22.18 0.65 24.84
N LYS A 243 22.50 1.77 24.18
CA LYS A 243 23.81 2.01 23.61
C LYS A 243 24.68 2.88 24.53
N ALA A 244 24.07 3.72 25.38
CA ALA A 244 24.82 4.76 26.08
C ALA A 244 25.90 4.13 26.98
N GLU A 245 27.16 4.56 26.78
CA GLU A 245 28.28 4.05 27.56
C GLU A 245 28.21 4.60 28.99
N ALA A 246 28.40 3.68 29.96
CA ALA A 246 28.45 4.01 31.37
C ALA A 246 29.90 3.99 31.85
N VAL A 247 30.28 5.06 32.54
CA VAL A 247 31.57 5.15 33.21
C VAL A 247 31.33 5.47 34.69
N PRO A 248 32.22 5.05 35.61
CA PRO A 248 31.97 5.29 37.03
C PRO A 248 32.06 6.76 37.44
N ARG A 249 31.31 7.13 38.48
CA ARG A 249 31.42 8.45 39.09
C ARG A 249 32.68 8.54 39.94
N GLU A 250 33.10 7.41 40.53
CA GLU A 250 34.30 7.34 41.34
C GLU A 250 35.52 7.28 40.42
N SER A 251 36.62 7.91 40.85
CA SER A 251 37.85 7.96 40.08
C SER A 251 38.74 6.77 40.39
N ALA A 252 38.60 6.19 41.59
CA ALA A 252 39.45 5.10 42.02
C ALA A 252 38.74 4.26 43.07
N ARG A 253 39.34 3.11 43.38
CA ARG A 253 38.84 2.21 44.42
C ARG A 253 39.28 2.72 45.79
N GLY A 254 38.32 2.81 46.72
CA GLY A 254 38.61 3.26 48.07
C GLY A 254 39.35 2.19 48.90
N SER A 255 40.05 2.67 49.92
CA SER A 255 40.78 1.82 50.84
C SER A 255 39.82 0.86 51.55
N ALA A 256 40.30 -0.36 51.82
CA ALA A 256 39.53 -1.30 52.64
C ALA A 256 39.56 -0.87 54.11
N THR A 257 38.38 -0.74 54.70
CA THR A 257 38.22 -0.35 56.10
C THR A 257 37.61 -1.48 56.94
N GLU A 258 37.07 -2.51 56.31
CA GLU A 258 36.41 -3.61 57.01
C GLU A 258 37.05 -4.94 56.61
N ASP A 259 37.10 -5.88 57.56
CA ASP A 259 37.54 -7.23 57.27
C ASP A 259 36.33 -8.01 56.77
N MET A 260 36.54 -8.96 55.86
CA MET A 260 35.42 -9.69 55.31
C MET A 260 34.86 -10.64 56.37
N ARG A 261 33.52 -10.71 56.48
CA ARG A 261 32.88 -11.62 57.41
C ARG A 261 31.67 -12.30 56.77
N LEU A 262 31.47 -13.56 57.16
CA LEU A 262 30.33 -14.34 56.72
C LEU A 262 29.16 -14.12 57.67
N VAL A 263 28.01 -13.76 57.11
CA VAL A 263 26.85 -13.35 57.88
C VAL A 263 25.62 -14.15 57.44
N ASP A 264 24.79 -14.51 58.43
CA ASP A 264 23.51 -15.17 58.20
C ASP A 264 22.46 -14.19 57.70
N THR A 265 21.84 -14.49 56.55
CA THR A 265 20.89 -13.60 55.91
C THR A 265 19.68 -14.39 55.42
N PRO A 266 18.91 -15.04 56.33
CA PRO A 266 17.65 -15.68 55.94
C PRO A 266 16.65 -14.66 55.42
N ASN A 267 15.81 -15.09 54.48
CA ASN A 267 14.76 -14.26 53.90
C ASN A 267 15.35 -12.96 53.36
N THR A 268 16.55 -13.06 52.77
CA THR A 268 17.24 -11.91 52.20
C THR A 268 17.59 -12.23 50.75
N LYS A 269 16.64 -11.99 49.85
CA LYS A 269 16.77 -12.41 48.47
C LYS A 269 16.78 -11.24 47.50
N THR A 270 16.65 -10.00 48.02
CA THR A 270 16.62 -8.81 47.17
C THR A 270 17.55 -7.77 47.78
N ILE A 271 17.97 -6.80 46.95
CA ILE A 271 18.79 -5.70 47.40
C ILE A 271 18.06 -4.92 48.50
N ALA A 272 16.76 -4.63 48.30
CA ALA A 272 15.97 -3.88 49.27
C ALA A 272 15.97 -4.57 50.63
N ALA A 273 15.86 -5.91 50.64
CA ALA A 273 15.85 -6.68 51.89
C ALA A 273 17.21 -6.64 52.59
N LEU A 274 18.30 -6.66 51.80
CA LEU A 274 19.66 -6.59 52.33
C LEU A 274 19.92 -5.22 52.96
N VAL A 275 19.57 -4.16 52.22
CA VAL A 275 19.69 -2.78 52.66
C VAL A 275 18.89 -2.55 53.94
N ASP A 276 17.60 -2.89 53.92
CA ASP A 276 16.73 -2.65 55.07
C ASP A 276 17.16 -3.53 56.24
N GLY A 277 17.56 -4.77 55.95
CA GLY A 277 17.84 -5.75 56.98
C GLY A 277 19.15 -5.51 57.72
N PHE A 278 20.16 -4.96 57.02
CA PHE A 278 21.49 -4.82 57.61
C PHE A 278 21.98 -3.37 57.58
N GLN A 279 21.07 -2.43 57.33
CA GLN A 279 21.38 -1.01 57.34
C GLN A 279 22.66 -0.75 56.55
N LEU A 280 22.62 -1.20 55.29
CA LEU A 280 23.70 -1.04 54.33
C LEU A 280 23.31 0.09 53.39
N PRO A 281 24.24 0.96 52.94
CA PRO A 281 23.94 1.78 51.78
C PRO A 281 23.79 0.87 50.57
N ILE A 282 22.83 1.20 49.69
CA ILE A 282 22.60 0.43 48.46
C ILE A 282 23.84 0.42 47.59
N GLU A 283 24.68 1.48 47.63
CA GLU A 283 25.86 1.52 46.78
C GLU A 283 26.99 0.67 47.35
N LYS A 284 26.74 -0.04 48.45
CA LYS A 284 27.71 -0.99 48.97
C LYS A 284 27.23 -2.42 48.76
N THR A 285 26.17 -2.60 47.96
CA THR A 285 25.66 -3.93 47.61
C THR A 285 25.88 -4.20 46.12
N ILE A 286 25.86 -5.48 45.76
CA ILE A 286 25.95 -5.90 44.37
C ILE A 286 24.86 -6.92 44.06
N LYS A 287 24.40 -6.88 42.80
CA LYS A 287 23.52 -7.88 42.21
C LYS A 287 24.34 -8.81 41.33
N THR A 288 24.14 -10.12 41.52
CA THR A 288 24.84 -11.13 40.73
C THR A 288 23.80 -11.86 39.88
N LEU A 289 23.90 -11.68 38.56
CA LEU A 289 22.95 -12.24 37.61
C LEU A 289 23.63 -13.33 36.80
N VAL A 290 23.02 -14.51 36.75
CA VAL A 290 23.69 -15.61 36.06
C VAL A 290 23.01 -15.85 34.71
N VAL A 291 23.83 -15.87 33.65
CA VAL A 291 23.32 -16.02 32.29
C VAL A 291 24.06 -17.17 31.61
N HIS A 292 23.52 -17.61 30.47
CA HIS A 292 24.16 -18.65 29.69
C HIS A 292 25.40 -18.13 28.97
N GLY A 293 26.46 -18.95 29.03
CA GLY A 293 27.69 -18.65 28.31
C GLY A 293 27.53 -18.97 26.83
N ALA A 294 28.35 -18.32 25.99
CA ALA A 294 28.43 -18.59 24.56
C ALA A 294 28.91 -20.02 24.32
N GLU A 295 29.84 -20.49 25.17
CA GLU A 295 30.27 -21.87 25.19
C GLU A 295 29.11 -22.71 25.74
N GLU A 296 28.65 -23.66 24.93
CA GLU A 296 27.47 -24.44 25.21
C GLU A 296 27.58 -25.12 26.58
N GLY A 297 26.53 -24.97 27.40
CA GLY A 297 26.44 -25.61 28.70
C GLY A 297 27.15 -24.84 29.81
N THR A 298 27.75 -23.69 29.49
CA THR A 298 28.41 -22.89 30.52
C THR A 298 27.51 -21.75 31.01
N LEU A 299 27.88 -21.22 32.18
CA LEU A 299 27.21 -20.07 32.78
C LEU A 299 28.25 -18.98 33.05
N VAL A 300 27.77 -17.72 33.06
CA VAL A 300 28.58 -16.56 33.41
C VAL A 300 27.80 -15.73 34.42
N ALA A 301 28.48 -15.28 35.49
CA ALA A 301 27.90 -14.34 36.42
C ALA A 301 28.24 -12.92 35.98
N LEU A 302 27.21 -12.06 35.88
CA LEU A 302 27.35 -10.66 35.55
C LEU A 302 26.97 -9.85 36.79
N ILE A 303 27.86 -8.91 37.18
CA ILE A 303 27.64 -8.21 38.45
C ILE A 303 27.54 -6.72 38.22
N VAL A 304 26.48 -6.11 38.76
CA VAL A 304 26.28 -4.67 38.79
C VAL A 304 26.04 -4.23 40.23
N ARG A 305 26.25 -2.95 40.49
CA ARG A 305 25.98 -2.39 41.80
C ARG A 305 24.47 -2.45 42.07
N GLY A 306 24.12 -2.53 43.37
CA GLY A 306 22.76 -2.75 43.82
C GLY A 306 21.75 -1.69 43.38
N ASP A 307 22.22 -0.48 43.09
CA ASP A 307 21.36 0.59 42.63
C ASP A 307 21.33 0.69 41.10
N HIS A 308 22.03 -0.23 40.41
CA HIS A 308 22.10 -0.22 38.96
C HIS A 308 21.30 -1.39 38.38
N GLU A 309 21.10 -1.34 37.07
CA GLU A 309 20.39 -2.36 36.33
C GLU A 309 21.32 -2.93 35.27
N LEU A 310 21.25 -4.24 35.05
CA LEU A 310 22.00 -4.86 33.96
C LEU A 310 21.44 -4.39 32.63
N ASN A 311 22.33 -3.94 31.74
CA ASN A 311 21.99 -3.61 30.38
C ASN A 311 22.11 -4.89 29.55
N GLU A 312 20.96 -5.40 29.07
CA GLU A 312 20.92 -6.73 28.46
C GLU A 312 21.62 -6.73 27.11
N ILE A 313 21.65 -5.58 26.42
CA ILE A 313 22.36 -5.50 25.15
C ILE A 313 23.86 -5.60 25.38
N LYS A 314 24.36 -4.80 26.32
CA LYS A 314 25.76 -4.83 26.70
C LYS A 314 26.13 -6.25 27.17
N ALA A 315 25.22 -6.87 27.94
CA ALA A 315 25.50 -8.20 28.47
C ALA A 315 25.72 -9.19 27.32
N ALA A 316 24.76 -9.21 26.38
CA ALA A 316 24.79 -10.12 25.25
C ALA A 316 26.02 -9.85 24.39
N ASN A 317 26.40 -8.56 24.24
CA ASN A 317 27.49 -8.20 23.36
C ASN A 317 28.85 -8.65 23.92
N GLN A 318 28.95 -9.03 25.20
CA GLN A 318 30.18 -9.64 25.69
C GLN A 318 30.42 -10.98 25.00
N PRO A 319 31.62 -11.24 24.43
CA PRO A 319 31.86 -12.48 23.70
C PRO A 319 31.61 -13.75 24.52
N LEU A 320 31.92 -13.71 25.82
CA LEU A 320 31.76 -14.83 26.71
C LEU A 320 30.27 -15.17 26.95
N VAL A 321 29.37 -14.21 26.70
CA VAL A 321 27.96 -14.33 27.04
C VAL A 321 27.21 -14.66 25.77
N ALA A 322 26.31 -15.66 25.83
CA ALA A 322 25.52 -16.04 24.68
C ALA A 322 24.61 -14.90 24.25
N SER A 323 24.48 -14.73 22.93
CA SER A 323 23.61 -13.74 22.35
C SER A 323 22.66 -14.45 21.39
N PRO A 324 21.32 -14.34 21.52
CA PRO A 324 20.68 -13.42 22.46
C PRO A 324 20.80 -13.88 23.92
N LEU A 325 20.58 -12.94 24.85
CA LEU A 325 20.81 -13.18 26.26
C LEU A 325 19.79 -14.19 26.78
N VAL A 326 20.29 -15.18 27.54
CA VAL A 326 19.44 -16.16 28.20
C VAL A 326 19.84 -16.21 29.67
N PHE A 327 18.86 -16.03 30.56
CA PHE A 327 19.15 -16.11 31.98
C PHE A 327 19.10 -17.55 32.44
N ALA A 328 19.99 -17.90 33.36
CA ALA A 328 19.99 -19.21 33.97
C ALA A 328 18.74 -19.40 34.83
N SER A 329 18.19 -20.62 34.81
CA SER A 329 17.07 -20.99 35.67
C SER A 329 17.56 -21.12 37.11
N GLU A 330 16.61 -21.10 38.04
CA GLU A 330 16.95 -21.38 39.43
C GLU A 330 17.60 -22.77 39.56
N ALA A 331 17.05 -23.78 38.85
CA ALA A 331 17.61 -25.11 38.92
C ALA A 331 19.05 -25.16 38.39
N GLU A 332 19.32 -24.43 37.31
CA GLU A 332 20.67 -24.39 36.75
C GLU A 332 21.63 -23.71 37.72
N ILE A 333 21.16 -22.64 38.38
CA ILE A 333 21.99 -21.91 39.32
C ILE A 333 22.31 -22.80 40.52
N ARG A 334 21.30 -23.45 41.08
CA ARG A 334 21.50 -24.29 42.26
C ARG A 334 22.43 -25.47 41.95
N ALA A 335 22.30 -26.07 40.75
CA ALA A 335 23.18 -27.17 40.37
C ALA A 335 24.62 -26.66 40.23
N ALA A 336 24.80 -25.49 39.63
CA ALA A 336 26.14 -24.99 39.37
C ALA A 336 26.80 -24.51 40.67
N ILE A 337 26.08 -23.76 41.51
CA ILE A 337 26.70 -23.04 42.63
C ILE A 337 26.41 -23.69 43.98
N GLY A 338 25.27 -24.37 44.13
CA GLY A 338 24.89 -25.00 45.40
C GLY A 338 24.16 -24.01 46.33
N ALA A 339 23.79 -22.87 45.76
CA ALA A 339 22.99 -21.85 46.40
C ALA A 339 22.11 -21.20 45.32
N GLY A 340 21.04 -20.55 45.76
CA GLY A 340 20.07 -20.02 44.83
C GLY A 340 20.12 -18.49 44.70
N PRO A 341 19.31 -17.94 43.79
CA PRO A 341 19.19 -16.48 43.64
C PRO A 341 18.89 -15.85 45.00
N GLY A 342 19.53 -14.70 45.24
CA GLY A 342 19.45 -14.06 46.54
C GLY A 342 20.68 -14.35 47.39
N SER A 343 21.44 -15.43 47.06
CA SER A 343 22.57 -15.83 47.87
C SER A 343 23.85 -15.98 47.06
N LEU A 344 23.94 -15.28 45.92
CA LEU A 344 25.08 -15.42 45.02
C LEU A 344 26.03 -14.22 45.13
N GLY A 345 27.28 -14.49 44.78
CA GLY A 345 28.29 -13.45 44.69
C GLY A 345 29.60 -13.96 44.10
N PRO A 346 30.63 -13.10 44.03
CA PRO A 346 31.87 -13.42 43.36
C PRO A 346 32.88 -14.21 44.20
N VAL A 347 32.68 -14.30 45.51
CA VAL A 347 33.62 -15.01 46.39
C VAL A 347 33.32 -16.51 46.32
N ASN A 348 34.35 -17.32 46.00
CA ASN A 348 34.21 -18.78 45.86
C ASN A 348 33.13 -19.14 44.82
N LEU A 349 33.10 -18.39 43.72
CA LEU A 349 32.15 -18.60 42.64
C LEU A 349 32.77 -19.57 41.64
N PRO A 350 32.14 -20.74 41.38
CA PRO A 350 32.73 -21.73 40.48
C PRO A 350 32.47 -21.57 38.98
N ILE A 351 31.98 -20.39 38.58
CA ILE A 351 31.77 -20.05 37.18
C ILE A 351 32.49 -18.74 36.89
N ALA A 352 32.67 -18.45 35.60
CA ALA A 352 33.29 -17.22 35.15
C ALA A 352 32.43 -16.04 35.60
N CYS A 353 33.07 -14.88 35.74
CA CYS A 353 32.42 -13.71 36.27
C CYS A 353 32.90 -12.48 35.50
N ILE A 354 31.98 -11.57 35.17
CA ILE A 354 32.33 -10.25 34.66
C ILE A 354 31.65 -9.20 35.53
N VAL A 355 32.41 -8.18 35.96
CA VAL A 355 31.84 -7.13 36.79
C VAL A 355 31.76 -5.81 36.03
N ASP A 356 30.75 -5.02 36.37
CA ASP A 356 30.60 -3.68 35.83
C ASP A 356 31.79 -2.81 36.28
N ARG A 357 32.06 -1.77 35.50
CA ARG A 357 33.10 -0.80 35.83
C ARG A 357 32.93 -0.21 37.22
N SER A 358 31.70 0.09 37.64
CA SER A 358 31.46 0.73 38.94
C SER A 358 31.73 -0.28 40.07
N VAL A 359 31.49 -1.56 39.80
CA VAL A 359 31.70 -2.61 40.79
C VAL A 359 33.18 -2.79 41.09
N ALA A 360 34.02 -2.68 40.05
CA ALA A 360 35.47 -2.82 40.17
C ALA A 360 36.07 -1.81 41.15
N LEU A 361 35.40 -0.66 41.34
CA LEU A 361 35.89 0.41 42.21
C LEU A 361 35.23 0.39 43.58
N MET A 362 34.35 -0.57 43.85
CA MET A 362 33.69 -0.64 45.13
C MET A 362 34.66 -1.17 46.19
N SER A 363 34.40 -0.78 47.44
CA SER A 363 35.12 -1.27 48.61
C SER A 363 34.14 -1.59 49.73
N ASP A 364 34.54 -2.48 50.65
CA ASP A 364 33.76 -2.88 51.81
C ASP A 364 32.32 -3.22 51.41
N PHE A 365 32.16 -4.08 50.40
CA PHE A 365 30.83 -4.33 49.85
C PHE A 365 30.28 -5.68 50.33
N ALA A 366 28.96 -5.80 50.18
CA ALA A 366 28.21 -6.96 50.60
C ALA A 366 27.79 -7.77 49.38
N ALA A 367 27.89 -9.10 49.49
CA ALA A 367 27.56 -10.01 48.40
C ALA A 367 27.02 -11.32 48.96
N GLY A 368 26.11 -11.96 48.22
CA GLY A 368 25.74 -13.33 48.55
C GLY A 368 26.97 -14.22 48.62
N ALA A 369 26.97 -15.20 49.53
CA ALA A 369 28.17 -15.96 49.87
C ALA A 369 28.33 -17.21 49.01
N ASN A 370 27.39 -17.45 48.10
CA ASN A 370 27.26 -18.71 47.37
C ASN A 370 27.05 -19.85 48.36
N ILE A 371 26.44 -19.50 49.51
CA ILE A 371 25.95 -20.43 50.52
C ILE A 371 24.54 -19.96 50.84
N GLU A 372 23.56 -20.86 50.77
CA GLU A 372 22.17 -20.45 50.92
C GLU A 372 22.02 -19.63 52.20
N ASP A 373 21.33 -18.50 52.09
CA ASP A 373 20.94 -17.68 53.23
C ASP A 373 22.18 -17.12 53.94
N LYS A 374 23.27 -16.86 53.21
CA LYS A 374 24.42 -16.17 53.79
C LYS A 374 24.96 -15.14 52.81
N HIS A 375 25.58 -14.10 53.40
CA HIS A 375 26.27 -13.05 52.66
C HIS A 375 27.66 -12.86 53.25
N TYR A 376 28.58 -12.41 52.39
CA TYR A 376 29.83 -11.84 52.86
C TYR A 376 29.63 -10.33 52.94
N PHE A 377 30.05 -9.74 54.06
N PHE A 377 30.09 -9.76 54.06
CA PHE A 377 30.13 -8.30 54.19
CA PHE A 377 30.17 -8.32 54.24
C PHE A 377 31.61 -7.91 54.36
C PHE A 377 31.63 -7.92 54.36
N GLY A 378 31.93 -6.67 53.98
CA GLY A 378 33.31 -6.18 54.06
C GLY A 378 34.21 -6.77 52.99
N VAL A 379 33.64 -7.08 51.81
CA VAL A 379 34.42 -7.64 50.72
C VAL A 379 35.26 -6.53 50.10
N ASN A 380 36.51 -6.87 49.79
CA ASN A 380 37.44 -5.96 49.13
C ASN A 380 38.22 -6.73 48.06
N TRP A 381 38.24 -6.16 46.86
CA TRP A 381 38.99 -6.71 45.74
C TRP A 381 40.47 -6.81 46.08
N GLU A 382 41.08 -7.88 45.54
N GLU A 382 41.12 -7.85 45.54
CA GLU A 382 42.50 -8.22 45.63
CA GLU A 382 42.55 -8.08 45.67
C GLU A 382 42.82 -8.80 47.01
C GLU A 382 42.83 -8.76 47.00
N ARG A 383 42.38 -8.14 48.09
CA ARG A 383 42.60 -8.68 49.43
C ARG A 383 41.85 -10.00 49.63
N ASP A 384 40.56 -10.05 49.25
CA ASP A 384 39.71 -11.19 49.60
C ASP A 384 39.49 -12.13 48.41
N LEU A 385 39.74 -11.61 47.21
CA LEU A 385 39.56 -12.36 45.98
C LEU A 385 40.08 -11.51 44.83
N PRO A 386 40.52 -12.12 43.73
CA PRO A 386 41.00 -11.34 42.60
C PRO A 386 39.85 -10.63 41.88
N LEU A 387 40.12 -9.45 41.32
CA LEU A 387 39.16 -8.81 40.43
C LEU A 387 39.03 -9.63 39.16
N PRO A 388 37.80 -9.99 38.72
CA PRO A 388 37.62 -10.67 37.45
C PRO A 388 37.62 -9.65 36.30
N GLU A 389 37.32 -10.12 35.10
CA GLU A 389 37.15 -9.23 33.96
C GLU A 389 36.19 -8.10 34.34
N VAL A 390 36.50 -6.90 33.83
CA VAL A 390 35.66 -5.72 33.96
C VAL A 390 35.11 -5.37 32.58
N ALA A 391 33.84 -4.95 32.56
CA ALA A 391 33.19 -4.47 31.34
C ALA A 391 32.12 -3.45 31.71
N ASP A 392 31.69 -2.69 30.70
CA ASP A 392 30.54 -1.82 30.82
C ASP A 392 29.29 -2.69 30.66
N LEU A 393 28.59 -2.93 31.78
CA LEU A 393 27.47 -3.86 31.82
C LEU A 393 26.15 -3.18 32.16
N ARG A 394 26.19 -2.00 32.77
CA ARG A 394 25.01 -1.40 33.40
C ARG A 394 24.37 -0.35 32.48
N ASN A 395 23.12 -0.01 32.78
CA ASN A 395 22.48 1.17 32.21
C ASN A 395 23.03 2.43 32.88
N VAL A 396 23.21 3.50 32.09
CA VAL A 396 23.47 4.82 32.67
C VAL A 396 22.28 5.25 33.51
N VAL A 397 22.54 6.18 34.45
CA VAL A 397 21.49 6.78 35.25
C VAL A 397 21.67 8.31 35.23
N GLU A 398 20.56 9.01 35.47
CA GLU A 398 20.52 10.48 35.50
C GLU A 398 21.69 10.95 36.35
N GLY A 399 22.51 11.86 35.81
CA GLY A 399 23.57 12.49 36.59
C GLY A 399 24.93 11.82 36.45
N ASP A 400 25.00 10.69 35.72
CA ASP A 400 26.27 10.04 35.45
C ASP A 400 27.15 10.93 34.59
N PRO A 401 28.49 10.70 34.60
CA PRO A 401 29.42 11.42 33.75
C PRO A 401 29.17 11.05 32.29
N SER A 402 29.22 12.07 31.42
CA SER A 402 29.17 11.81 29.99
C SER A 402 30.41 11.02 29.60
N PRO A 403 30.26 9.93 28.82
CA PRO A 403 31.40 9.06 28.53
C PRO A 403 32.45 9.66 27.60
N ASP A 404 32.15 10.81 27.00
CA ASP A 404 33.14 11.53 26.21
C ASP A 404 33.94 12.48 27.10
N GLY A 405 33.64 12.50 28.40
CA GLY A 405 34.38 13.31 29.36
C GLY A 405 33.86 14.75 29.45
N LYS A 406 32.74 15.02 28.79
CA LYS A 406 32.24 16.38 28.69
C LYS A 406 30.79 16.47 29.15
N GLY A 407 30.63 16.88 30.41
CA GLY A 407 29.32 17.14 30.99
C GLY A 407 28.77 15.92 31.74
N THR A 408 27.49 16.02 32.12
N THR A 408 27.47 16.01 32.05
CA THR A 408 26.80 14.96 32.83
CA THR A 408 26.74 15.04 32.84
C THR A 408 25.55 14.60 32.02
C THR A 408 25.51 14.62 32.05
N LEU A 409 25.04 13.38 32.26
CA LEU A 409 23.96 12.82 31.46
C LEU A 409 22.58 13.16 32.03
N VAL A 410 21.64 13.39 31.10
CA VAL A 410 20.23 13.54 31.40
C VAL A 410 19.47 12.55 30.53
N ILE A 411 18.40 11.96 31.09
CA ILE A 411 17.64 10.94 30.39
C ILE A 411 16.26 11.51 30.08
N LYS A 412 15.89 11.46 28.79
CA LYS A 412 14.60 11.97 28.34
C LYS A 412 13.85 10.84 27.66
N ARG A 413 12.58 11.09 27.36
CA ARG A 413 11.75 10.11 26.68
C ARG A 413 11.59 10.51 25.22
N GLY A 414 11.63 9.49 24.36
CA GLY A 414 11.52 9.67 22.92
C GLY A 414 10.59 8.64 22.29
N ILE A 415 10.04 9.03 21.12
CA ILE A 415 9.31 8.11 20.26
C ILE A 415 10.19 7.87 19.04
N GLU A 416 10.57 6.60 18.80
CA GLU A 416 11.42 6.27 17.69
C GLU A 416 10.64 6.39 16.38
N VAL A 417 11.10 7.30 15.51
CA VAL A 417 10.45 7.54 14.24
C VAL A 417 11.38 7.21 13.07
N GLY A 418 12.69 7.06 13.32
CA GLY A 418 13.63 6.66 12.29
C GLY A 418 14.75 5.81 12.85
N HIS A 419 15.30 4.94 12.00
CA HIS A 419 16.41 4.08 12.39
C HIS A 419 17.23 3.76 11.15
N ILE A 420 18.54 3.97 11.23
CA ILE A 420 19.44 3.71 10.12
C ILE A 420 20.52 2.72 10.60
N PHE A 421 21.03 1.91 9.66
CA PHE A 421 21.88 0.77 9.99
C PHE A 421 22.93 0.57 8.90
N GLN A 422 24.15 0.21 9.33
CA GLN A 422 25.16 -0.33 8.43
C GLN A 422 25.12 -1.84 8.54
N LEU A 423 24.94 -2.53 7.40
CA LEU A 423 24.67 -3.97 7.38
C LEU A 423 25.88 -4.78 6.98
N GLY A 424 26.96 -4.11 6.55
CA GLY A 424 28.10 -4.79 5.95
C GLY A 424 27.64 -5.73 4.84
N THR A 425 28.15 -6.97 4.87
CA THR A 425 27.86 -7.97 3.87
C THR A 425 26.95 -9.06 4.43
N LYS A 426 26.19 -8.74 5.50
CA LYS A 426 25.30 -9.70 6.11
C LYS A 426 24.39 -10.36 5.07
N TYR A 427 23.77 -9.55 4.21
CA TYR A 427 22.79 -10.04 3.23
C TYR A 427 23.50 -10.47 1.95
N SER A 428 24.52 -9.72 1.52
CA SER A 428 25.16 -9.96 0.23
C SER A 428 25.94 -11.28 0.24
N GLU A 429 26.43 -11.68 1.43
CA GLU A 429 27.16 -12.93 1.59
C GLU A 429 26.17 -14.09 1.60
N ALA A 430 25.12 -13.97 2.40
CA ALA A 430 24.10 -15.00 2.50
C ALA A 430 23.42 -15.27 1.16
N MET A 431 23.19 -14.20 0.37
CA MET A 431 22.33 -14.28 -0.82
C MET A 431 23.16 -14.15 -2.10
N LYS A 432 24.49 -14.16 -1.97
CA LYS A 432 25.41 -14.17 -3.09
C LYS A 432 25.21 -12.96 -4.01
N LEU A 433 25.30 -11.76 -3.43
CA LEU A 433 25.23 -10.53 -4.21
C LEU A 433 26.63 -9.96 -4.35
N SER A 434 27.19 -10.02 -5.56
CA SER A 434 28.55 -9.55 -5.78
C SER A 434 28.68 -8.90 -7.17
N VAL A 435 29.58 -7.92 -7.23
CA VAL A 435 29.91 -7.21 -8.44
C VAL A 435 31.44 -7.16 -8.52
N LEU A 436 31.98 -7.16 -9.75
CA LEU A 436 33.40 -7.00 -9.96
C LEU A 436 33.77 -5.53 -9.80
N SER A 437 34.84 -5.26 -9.03
CA SER A 437 35.40 -3.92 -8.91
C SER A 437 35.98 -3.46 -10.25
N GLU A 438 36.44 -2.21 -10.30
CA GLU A 438 37.11 -1.65 -11.45
C GLU A 438 38.36 -2.46 -11.82
N GLN A 439 38.99 -3.09 -10.81
CA GLN A 439 40.19 -3.89 -11.00
C GLN A 439 39.85 -5.33 -11.40
N GLY A 440 38.57 -5.72 -11.26
CA GLY A 440 38.11 -7.03 -11.68
C GLY A 440 38.08 -8.06 -10.55
N LYS A 441 38.09 -7.60 -9.29
CA LYS A 441 37.96 -8.48 -8.13
C LYS A 441 36.48 -8.61 -7.74
N PRO A 442 35.96 -9.83 -7.44
CA PRO A 442 34.61 -9.97 -6.90
C PRO A 442 34.46 -9.31 -5.54
N VAL A 443 33.37 -8.54 -5.37
CA VAL A 443 33.12 -7.82 -4.13
C VAL A 443 31.67 -8.08 -3.70
N ASN A 444 31.50 -8.68 -2.51
CA ASN A 444 30.19 -8.77 -1.87
C ASN A 444 29.76 -7.37 -1.47
N LEU A 445 28.58 -6.93 -1.94
CA LEU A 445 28.20 -5.55 -1.77
C LEU A 445 27.97 -5.23 -0.29
N ILE A 446 28.48 -4.07 0.11
CA ILE A 446 28.32 -3.56 1.45
C ILE A 446 27.03 -2.72 1.44
N MET A 447 26.18 -2.93 2.44
CA MET A 447 24.82 -2.40 2.40
C MET A 447 24.51 -1.57 3.65
N GLY A 448 23.63 -0.58 3.46
CA GLY A 448 22.97 0.13 4.54
C GLY A 448 21.46 0.09 4.32
N CYS A 449 20.70 0.35 5.38
CA CYS A 449 19.25 0.44 5.26
C CYS A 449 18.76 1.48 6.27
N TYR A 450 17.66 2.12 5.92
CA TYR A 450 17.23 3.38 6.50
C TYR A 450 15.72 3.35 6.50
N GLY A 451 15.12 3.45 7.70
CA GLY A 451 13.69 3.36 7.84
C GLY A 451 13.08 4.52 8.63
N ILE A 452 11.95 5.03 8.12
CA ILE A 452 11.12 5.99 8.84
C ILE A 452 9.73 5.39 9.04
N GLY A 453 9.22 5.47 10.28
CA GLY A 453 7.85 5.08 10.56
C GLY A 453 6.91 6.23 10.22
N VAL A 454 6.39 6.21 9.00
CA VAL A 454 5.63 7.33 8.47
C VAL A 454 4.30 7.49 9.19
N SER A 455 3.57 6.40 9.40
CA SER A 455 2.31 6.52 10.13
C SER A 455 2.59 6.87 11.60
N ARG A 456 3.68 6.34 12.17
CA ARG A 456 4.04 6.64 13.55
C ARG A 456 4.30 8.14 13.72
N VAL A 457 4.95 8.78 12.74
CA VAL A 457 5.28 10.20 12.79
C VAL A 457 4.02 11.02 13.03
N VAL A 458 2.89 10.61 12.41
CA VAL A 458 1.65 11.37 12.54
C VAL A 458 1.20 11.40 14.00
N ALA A 459 1.23 10.23 14.64
CA ALA A 459 0.86 10.12 16.04
C ALA A 459 1.88 10.85 16.93
N ALA A 460 3.17 10.69 16.62
CA ALA A 460 4.22 11.29 17.42
C ALA A 460 4.07 12.80 17.47
N ALA A 461 3.63 13.40 16.35
CA ALA A 461 3.47 14.84 16.25
C ALA A 461 2.48 15.31 17.30
N ILE A 462 1.41 14.54 17.50
CA ILE A 462 0.36 14.87 18.44
C ILE A 462 0.85 14.61 19.87
N GLU A 463 1.60 13.52 20.08
CA GLU A 463 2.13 13.25 21.40
C GLU A 463 2.93 14.46 21.90
N GLN A 464 3.70 15.07 20.98
CA GLN A 464 4.51 16.22 21.31
C GLN A 464 3.67 17.50 21.37
N ASN A 465 2.66 17.62 20.50
CA ASN A 465 2.00 18.89 20.24
C ASN A 465 0.49 18.76 20.41
N HIS A 466 0.01 19.10 21.62
CA HIS A 466 -1.41 19.10 21.94
C HIS A 466 -1.65 20.07 23.10
N ASP A 467 -2.91 20.45 23.31
CA ASP A 467 -3.32 21.28 24.43
C ASP A 467 -4.72 20.86 24.86
N GLU A 468 -5.34 21.62 25.77
CA GLU A 468 -6.62 21.25 26.35
C GLU A 468 -7.73 21.29 25.29
N ARG A 469 -7.50 22.00 24.16
CA ARG A 469 -8.48 22.13 23.10
C ARG A 469 -8.27 21.11 21.97
N GLY A 470 -7.20 20.33 22.03
CA GLY A 470 -6.99 19.23 21.09
C GLY A 470 -5.65 19.32 20.38
N ILE A 471 -5.63 19.02 19.07
CA ILE A 471 -4.38 18.85 18.35
C ILE A 471 -3.79 20.22 18.01
N LEU A 472 -2.45 20.29 18.13
CA LEU A 472 -1.68 21.38 17.57
C LEU A 472 -0.78 20.80 16.48
N TRP A 473 -1.06 21.10 15.20
CA TRP A 473 -0.21 20.58 14.15
C TRP A 473 0.95 21.52 13.89
N PRO A 474 2.15 21.00 13.60
CA PRO A 474 3.15 21.80 12.89
C PRO A 474 2.52 22.29 11.60
N SER A 475 3.00 23.42 11.10
CA SER A 475 2.43 24.06 9.92
C SER A 475 2.40 23.11 8.73
N ALA A 476 3.43 22.27 8.59
CA ALA A 476 3.52 21.39 7.44
C ALA A 476 2.50 20.25 7.48
N LEU A 477 1.87 20.01 8.64
CA LEU A 477 1.03 18.83 8.81
C LEU A 477 -0.46 19.15 8.90
N ALA A 478 -0.85 20.42 9.09
CA ALA A 478 -2.26 20.71 9.29
C ALA A 478 -3.06 20.20 8.10
N PRO A 479 -4.19 19.49 8.29
CA PRO A 479 -4.95 18.94 7.16
C PRO A 479 -5.62 20.02 6.31
N PHE A 480 -5.95 21.13 6.96
CA PHE A 480 -6.40 22.35 6.30
C PHE A 480 -5.74 23.54 7.01
N GLN A 481 -5.60 24.65 6.27
CA GLN A 481 -5.02 25.87 6.82
C GLN A 481 -6.10 26.79 7.39
N ILE A 482 -7.27 26.81 6.75
CA ILE A 482 -8.31 27.75 7.13
C ILE A 482 -9.66 27.01 7.20
N ALA A 483 -10.37 27.25 8.31
CA ALA A 483 -11.76 26.87 8.44
C ALA A 483 -12.64 28.09 8.29
N LEU A 484 -13.60 28.01 7.36
CA LEU A 484 -14.64 29.02 7.22
C LEU A 484 -15.84 28.57 8.03
N VAL A 485 -16.27 29.40 8.98
CA VAL A 485 -17.42 29.09 9.80
C VAL A 485 -18.50 30.15 9.54
N PRO A 486 -19.35 29.95 8.52
CA PRO A 486 -20.52 30.81 8.29
C PRO A 486 -21.58 30.61 9.37
N LEU A 487 -22.10 31.72 9.89
CA LEU A 487 -23.25 31.70 10.79
C LEU A 487 -24.48 31.98 9.95
N LYS A 488 -25.35 30.97 9.87
CA LYS A 488 -26.52 30.98 9.00
C LYS A 488 -26.05 30.93 7.55
N TYR A 489 -25.32 29.84 7.21
CA TYR A 489 -24.93 29.57 5.83
C TYR A 489 -26.13 29.38 4.91
N GLU A 490 -27.33 29.11 5.46
CA GLU A 490 -28.51 28.97 4.62
C GLU A 490 -28.98 30.34 4.12
N THR A 491 -28.59 31.43 4.81
CA THR A 491 -28.97 32.76 4.38
C THR A 491 -28.13 33.18 3.17
N GLU A 492 -28.81 33.76 2.17
CA GLU A 492 -28.23 33.98 0.86
C GLU A 492 -27.00 34.89 0.93
N SER A 493 -27.06 35.94 1.76
CA SER A 493 -25.94 36.88 1.86
C SER A 493 -24.71 36.17 2.42
N VAL A 494 -24.90 35.38 3.47
CA VAL A 494 -23.78 34.68 4.10
C VAL A 494 -23.27 33.60 3.15
N LYS A 495 -24.18 32.84 2.52
CA LYS A 495 -23.75 31.82 1.58
C LYS A 495 -22.85 32.41 0.50
N GLN A 496 -23.28 33.48 -0.17
CA GLN A 496 -22.52 33.94 -1.32
C GLN A 496 -21.19 34.56 -0.88
N ALA A 497 -21.15 35.22 0.28
CA ALA A 497 -19.90 35.78 0.76
C ALA A 497 -18.92 34.67 1.16
N THR A 498 -19.46 33.61 1.75
CA THR A 498 -18.65 32.48 2.20
C THR A 498 -18.05 31.74 1.00
N ASP A 499 -18.89 31.52 -0.01
CA ASP A 499 -18.47 30.83 -1.22
C ASP A 499 -17.43 31.66 -1.99
N LYS A 500 -17.60 32.98 -2.00
CA LYS A 500 -16.64 33.88 -2.64
C LYS A 500 -15.28 33.81 -1.93
N LEU A 501 -15.32 33.83 -0.59
CA LEU A 501 -14.13 33.74 0.22
C LEU A 501 -13.42 32.40 -0.04
N TYR A 502 -14.19 31.30 -0.05
CA TYR A 502 -13.65 29.98 -0.32
C TYR A 502 -12.88 29.98 -1.65
N ALA A 503 -13.48 30.57 -2.69
CA ALA A 503 -12.90 30.55 -4.02
C ALA A 503 -11.62 31.39 -4.07
N GLU A 504 -11.63 32.59 -3.46
CA GLU A 504 -10.46 33.46 -3.47
C GLU A 504 -9.29 32.81 -2.75
N LEU A 505 -9.56 32.21 -1.60
CA LEU A 505 -8.51 31.61 -0.79
C LEU A 505 -7.94 30.37 -1.49
N THR A 506 -8.81 29.54 -2.06
CA THR A 506 -8.40 28.33 -2.76
C THR A 506 -7.54 28.71 -3.98
N ALA A 507 -7.89 29.79 -4.67
CA ALA A 507 -7.15 30.23 -5.86
C ALA A 507 -5.75 30.70 -5.49
N ALA A 508 -5.55 31.11 -4.22
CA ALA A 508 -4.22 31.48 -3.74
C ALA A 508 -3.44 30.24 -3.28
N GLY A 509 -4.05 29.05 -3.40
CA GLY A 509 -3.37 27.82 -3.02
C GLY A 509 -3.60 27.39 -1.57
N PHE A 510 -4.49 28.09 -0.83
CA PHE A 510 -4.79 27.68 0.52
C PHE A 510 -5.76 26.51 0.54
N GLU A 511 -5.59 25.64 1.54
CA GLU A 511 -6.48 24.50 1.75
C GLU A 511 -7.53 24.91 2.77
N VAL A 512 -8.79 24.94 2.34
CA VAL A 512 -9.87 25.53 3.11
C VAL A 512 -10.92 24.47 3.38
N LEU A 513 -11.43 24.41 4.61
CA LEU A 513 -12.57 23.58 4.96
C LEU A 513 -13.74 24.50 5.28
N LEU A 514 -14.88 24.25 4.63
CA LEU A 514 -16.10 25.03 4.84
C LEU A 514 -17.03 24.27 5.78
N ASP A 515 -17.42 24.89 6.89
CA ASP A 515 -18.36 24.28 7.81
C ASP A 515 -19.78 24.60 7.35
N ASP A 516 -20.38 23.63 6.66
CA ASP A 516 -21.69 23.77 6.05
C ASP A 516 -22.79 23.19 6.94
N ARG A 517 -22.48 22.83 8.18
CA ARG A 517 -23.47 22.15 9.02
C ARG A 517 -24.57 23.14 9.42
N ASP A 518 -25.77 22.59 9.62
CA ASP A 518 -26.94 23.40 9.90
C ASP A 518 -26.97 23.76 11.40
N LYS A 519 -28.08 24.38 11.82
CA LYS A 519 -28.20 25.00 13.13
C LYS A 519 -28.21 23.99 14.28
N LYS A 520 -28.46 22.70 13.98
CA LYS A 520 -28.40 21.69 15.02
C LYS A 520 -26.97 21.54 15.53
N THR A 521 -25.98 22.08 14.80
CA THR A 521 -24.62 22.19 15.31
C THR A 521 -24.35 23.65 15.67
N SER A 522 -24.23 23.93 16.97
CA SER A 522 -24.10 25.30 17.46
C SER A 522 -22.76 25.88 17.03
N PRO A 523 -22.63 27.22 16.93
CA PRO A 523 -21.34 27.85 16.70
C PRO A 523 -20.27 27.37 17.68
N GLY A 524 -20.63 27.20 18.95
CA GLY A 524 -19.68 26.79 19.98
C GLY A 524 -19.06 25.42 19.68
N VAL A 525 -19.87 24.50 19.20
CA VAL A 525 -19.42 23.16 18.84
C VAL A 525 -18.55 23.25 17.60
N LYS A 526 -18.98 24.04 16.61
CA LYS A 526 -18.20 24.19 15.38
C LYS A 526 -16.80 24.69 15.72
N PHE A 527 -16.72 25.71 16.58
CA PHE A 527 -15.44 26.30 16.94
C PHE A 527 -14.56 25.26 17.63
N ALA A 528 -15.16 24.50 18.54
CA ALA A 528 -14.42 23.49 19.28
C ALA A 528 -13.94 22.37 18.35
N ASP A 529 -14.76 22.00 17.37
CA ASP A 529 -14.41 20.98 16.39
C ASP A 529 -13.18 21.41 15.60
N MET A 530 -13.18 22.66 15.11
CA MET A 530 -12.09 23.09 14.27
C MET A 530 -10.79 23.10 15.08
N GLU A 531 -10.85 23.50 16.36
CA GLU A 531 -9.66 23.54 17.18
C GLU A 531 -9.20 22.13 17.53
N LEU A 532 -10.13 21.22 17.79
CA LEU A 532 -9.79 19.84 18.11
C LEU A 532 -9.01 19.19 16.96
N ILE A 533 -9.48 19.40 15.74
CA ILE A 533 -8.86 18.87 14.53
C ILE A 533 -7.49 19.52 14.31
N GLY A 534 -7.30 20.73 14.84
CA GLY A 534 -6.02 21.40 14.78
C GLY A 534 -5.88 22.36 13.61
N ILE A 535 -6.99 22.84 13.06
CA ILE A 535 -6.89 23.77 11.95
C ILE A 535 -6.35 25.08 12.50
N PRO A 536 -5.27 25.66 11.94
CA PRO A 536 -4.59 26.79 12.57
C PRO A 536 -5.30 28.14 12.50
N HIS A 537 -6.27 28.30 11.59
CA HIS A 537 -6.91 29.59 11.39
C HIS A 537 -8.39 29.38 11.10
N ARG A 538 -9.23 30.27 11.65
CA ARG A 538 -10.63 30.29 11.26
C ARG A 538 -11.06 31.71 10.88
N ILE A 539 -12.02 31.75 9.97
CA ILE A 539 -12.72 32.96 9.60
C ILE A 539 -14.21 32.67 9.78
N VAL A 540 -14.86 33.54 10.56
CA VAL A 540 -16.29 33.51 10.78
C VAL A 540 -16.95 34.56 9.89
N ILE A 541 -18.03 34.16 9.21
CA ILE A 541 -18.79 35.04 8.32
C ILE A 541 -20.19 35.18 8.92
N SER A 542 -20.64 36.43 9.11
CA SER A 542 -21.97 36.69 9.61
C SER A 542 -22.55 37.94 8.95
N ASP A 543 -23.89 38.07 9.01
CA ASP A 543 -24.58 39.27 8.56
C ASP A 543 -24.07 40.52 9.27
N ARG A 544 -23.88 40.42 10.58
CA ARG A 544 -23.45 41.56 11.39
C ARG A 544 -22.07 42.02 10.92
N GLY A 545 -21.14 41.08 10.73
CA GLY A 545 -19.81 41.41 10.26
C GLY A 545 -19.83 42.02 8.85
N LEU A 546 -20.61 41.40 7.96
CA LEU A 546 -20.67 41.85 6.58
C LEU A 546 -21.21 43.28 6.52
N SER A 547 -22.18 43.62 7.38
N SER A 547 -22.17 43.63 7.39
CA SER A 547 -22.76 44.95 7.47
CA SER A 547 -22.75 44.97 7.39
C SER A 547 -21.70 46.01 7.73
C SER A 547 -21.73 46.04 7.80
N GLU A 548 -20.64 45.62 8.44
CA GLU A 548 -19.57 46.52 8.85
C GLU A 548 -18.34 46.32 7.95
N GLY A 549 -18.47 45.46 6.93
CA GLY A 549 -17.38 45.18 6.01
C GLY A 549 -16.21 44.44 6.67
N VAL A 550 -16.52 43.59 7.67
CA VAL A 550 -15.47 42.81 8.33
C VAL A 550 -15.83 41.33 8.32
N LEU A 551 -14.77 40.53 8.42
CA LEU A 551 -14.85 39.12 8.79
C LEU A 551 -14.26 38.99 10.19
N GLU A 552 -14.51 37.87 10.88
CA GLU A 552 -13.96 37.66 12.20
C GLU A 552 -12.92 36.54 12.12
N TYR A 553 -11.68 36.86 12.50
CA TYR A 553 -10.55 35.95 12.39
C TYR A 553 -10.15 35.47 13.77
N LYS A 554 -9.74 34.19 13.87
CA LYS A 554 -9.05 33.72 15.07
C LYS A 554 -8.02 32.65 14.71
N GLY A 555 -6.83 32.79 15.29
CA GLY A 555 -5.79 31.79 15.22
C GLY A 555 -5.97 30.73 16.31
N ARG A 556 -5.55 29.50 16.00
CA ARG A 556 -5.65 28.36 16.90
C ARG A 556 -4.94 28.64 18.23
N ARG A 557 -3.86 29.44 18.21
CA ARG A 557 -3.07 29.70 19.39
C ARG A 557 -3.34 31.10 19.94
N ASP A 558 -4.37 31.78 19.41
CA ASP A 558 -4.80 33.07 19.94
C ASP A 558 -5.90 32.85 20.96
N SER A 559 -5.97 33.73 21.98
CA SER A 559 -7.03 33.68 22.97
C SER A 559 -8.27 34.43 22.50
N GLU A 560 -8.11 35.46 21.66
CA GLU A 560 -9.22 36.31 21.25
C GLU A 560 -9.33 36.39 19.73
N SER A 561 -10.56 36.59 19.26
CA SER A 561 -10.87 36.86 17.87
C SER A 561 -10.47 38.30 17.52
N GLN A 562 -10.38 38.59 16.21
CA GLN A 562 -10.16 39.97 15.77
C GLN A 562 -10.84 40.20 14.42
N ASN A 563 -11.25 41.46 14.23
CA ASN A 563 -11.96 41.85 13.02
C ASN A 563 -10.95 42.00 11.89
N LEU A 564 -11.39 41.58 10.71
CA LEU A 564 -10.57 41.52 9.51
C LEU A 564 -11.33 42.30 8.45
N PRO A 565 -10.92 43.54 8.10
CA PRO A 565 -11.56 44.27 7.00
C PRO A 565 -11.48 43.44 5.73
N ILE A 566 -12.61 43.28 5.05
CA ILE A 566 -12.71 42.42 3.88
C ILE A 566 -11.65 42.80 2.83
N GLY A 567 -11.36 44.10 2.68
CA GLY A 567 -10.43 44.57 1.66
C GLY A 567 -8.97 44.18 1.90
N GLU A 568 -8.65 43.68 3.10
CA GLU A 568 -7.27 43.32 3.44
C GLU A 568 -7.16 41.80 3.60
N LEU A 569 -8.14 41.06 3.09
CA LEU A 569 -8.25 39.61 3.32
C LEU A 569 -6.92 38.92 3.07
N MET A 570 -6.40 39.08 1.83
CA MET A 570 -5.32 38.25 1.36
C MET A 570 -4.03 38.69 2.03
N SER A 571 -3.91 40.00 2.25
CA SER A 571 -2.72 40.55 2.88
C SER A 571 -2.63 40.01 4.31
N PHE A 572 -3.74 40.10 5.04
CA PHE A 572 -3.84 39.71 6.43
C PHE A 572 -3.60 38.20 6.60
N ILE A 573 -4.27 37.40 5.76
CA ILE A 573 -4.23 35.94 5.87
C ILE A 573 -2.90 35.40 5.37
N THR A 574 -2.38 35.94 4.25
CA THR A 574 -1.07 35.54 3.78
C THR A 574 -0.06 35.74 4.90
N GLU A 575 -0.15 36.88 5.60
CA GLU A 575 0.78 37.21 6.66
C GLU A 575 0.69 36.15 7.78
N LYS A 576 -0.52 35.71 8.10
CA LYS A 576 -0.72 34.71 9.16
C LYS A 576 -0.13 33.36 8.76
N LEU A 577 -0.20 33.01 7.47
CA LEU A 577 0.23 31.71 6.98
C LEU A 577 1.69 31.73 6.50
N SER A 578 2.55 32.56 7.09
CA SER A 578 3.95 32.65 6.66
C SER A 578 4.89 32.14 7.77
N HIS B 8 21.16 15.30 -10.73
CA HIS B 8 20.75 14.83 -12.09
C HIS B 8 20.11 13.44 -12.01
N MET B 9 18.95 13.28 -12.65
CA MET B 9 18.45 11.95 -12.94
C MET B 9 19.19 11.42 -14.17
N ARG B 10 19.90 10.29 -13.98
CA ARG B 10 20.90 9.79 -14.91
C ARG B 10 20.64 8.33 -15.23
N THR B 11 21.07 7.92 -16.44
CA THR B 11 20.85 6.56 -16.93
C THR B 11 21.64 5.52 -16.12
N SER B 12 22.83 5.87 -15.63
CA SER B 12 23.64 4.89 -14.90
C SER B 12 22.92 4.39 -13.64
N GLN B 13 21.91 5.14 -13.21
CA GLN B 13 21.09 4.83 -12.03
C GLN B 13 19.74 4.25 -12.43
N TYR B 14 19.05 4.90 -13.37
CA TYR B 14 17.68 4.55 -13.74
C TYR B 14 17.59 3.38 -14.71
N LEU B 15 18.48 3.37 -15.71
CA LEU B 15 18.37 2.42 -16.80
C LEU B 15 18.66 1.03 -16.27
N LEU B 16 17.63 0.21 -16.23
CA LEU B 16 17.80 -1.21 -15.96
C LEU B 16 17.22 -1.96 -17.16
N SER B 17 17.29 -1.31 -18.34
CA SER B 17 16.93 -1.91 -19.60
C SER B 17 17.94 -3.03 -19.93
N THR B 18 17.43 -4.13 -20.48
CA THR B 18 18.19 -5.35 -20.67
C THR B 18 17.79 -5.98 -22.02
N PRO B 23 12.65 -14.03 -22.41
CA PRO B 23 11.98 -14.41 -21.17
C PRO B 23 10.71 -15.21 -21.45
N ALA B 24 10.79 -16.53 -21.23
CA ALA B 24 9.78 -17.49 -21.67
C ALA B 24 8.39 -17.13 -21.15
N ASP B 25 8.32 -16.61 -19.91
CA ASP B 25 7.07 -16.32 -19.24
C ASP B 25 6.41 -15.07 -19.83
N ALA B 26 7.15 -14.28 -20.62
CA ALA B 26 6.65 -13.01 -21.13
C ALA B 26 6.20 -13.17 -22.58
N VAL B 27 4.88 -13.18 -22.81
CA VAL B 27 4.31 -13.50 -24.12
C VAL B 27 3.59 -12.29 -24.71
N VAL B 28 2.95 -11.45 -23.88
CA VAL B 28 2.28 -10.27 -24.41
C VAL B 28 3.26 -9.10 -24.44
N ILE B 29 3.04 -8.18 -25.39
CA ILE B 29 4.02 -7.16 -25.71
C ILE B 29 4.26 -6.22 -24.53
N SER B 30 3.22 -5.90 -23.76
CA SER B 30 3.40 -4.99 -22.63
C SER B 30 4.34 -5.59 -21.59
N HIS B 31 4.16 -6.88 -21.31
CA HIS B 31 5.00 -7.61 -20.36
C HIS B 31 6.44 -7.65 -20.87
N GLN B 32 6.60 -7.99 -22.16
CA GLN B 32 7.94 -8.02 -22.76
C GLN B 32 8.63 -6.66 -22.60
N LEU B 33 7.92 -5.58 -22.96
CA LEU B 33 8.52 -4.25 -23.00
C LEU B 33 8.73 -3.68 -21.60
N LEU B 34 7.83 -3.97 -20.65
CA LEU B 34 8.01 -3.48 -19.30
C LEU B 34 9.28 -4.08 -18.68
N LEU B 35 9.57 -5.34 -18.97
CA LEU B 35 10.81 -5.96 -18.53
C LEU B 35 12.01 -5.34 -19.26
N ARG B 36 11.94 -5.30 -20.59
CA ARG B 36 13.09 -4.90 -21.39
C ARG B 36 13.43 -3.44 -21.13
N ALA B 37 12.42 -2.61 -20.83
CA ALA B 37 12.63 -1.19 -20.60
C ALA B 37 13.01 -0.89 -19.14
N GLY B 38 13.13 -1.91 -18.30
CA GLY B 38 13.55 -1.71 -16.92
C GLY B 38 12.50 -1.00 -16.07
N MET B 39 11.22 -1.36 -16.30
CA MET B 39 10.09 -0.73 -15.62
C MET B 39 9.63 -1.58 -14.44
N ILE B 40 9.67 -2.91 -14.61
CA ILE B 40 9.26 -3.86 -13.57
C ILE B 40 10.24 -5.03 -13.52
N ARG B 41 10.20 -5.76 -12.41
CA ARG B 41 10.96 -7.00 -12.23
C ARG B 41 10.08 -7.98 -11.44
N ARG B 42 10.07 -9.24 -11.86
CA ARG B 42 9.27 -10.26 -11.19
C ARG B 42 9.96 -10.67 -9.88
N LEU B 43 9.17 -10.75 -8.80
CA LEU B 43 9.60 -11.37 -7.57
C LEU B 43 9.18 -12.83 -7.51
N ALA B 44 7.91 -13.11 -7.82
CA ALA B 44 7.38 -14.46 -7.89
C ALA B 44 6.10 -14.40 -8.74
N SER B 45 5.35 -15.51 -8.82
CA SER B 45 4.17 -15.58 -9.66
C SER B 45 3.17 -14.48 -9.32
N GLY B 46 2.95 -13.58 -10.29
CA GLY B 46 2.00 -12.49 -10.16
C GLY B 46 2.42 -11.39 -9.19
N LEU B 47 3.71 -11.36 -8.81
CA LEU B 47 4.25 -10.37 -7.89
C LEU B 47 5.43 -9.67 -8.57
N TYR B 48 5.26 -8.36 -8.83
CA TYR B 48 6.26 -7.56 -9.52
C TYR B 48 6.65 -6.33 -8.70
N THR B 49 7.95 -6.01 -8.73
CA THR B 49 8.46 -4.74 -8.26
C THR B 49 8.42 -3.70 -9.37
N TRP B 50 8.00 -2.49 -9.01
CA TRP B 50 8.13 -1.32 -9.86
C TRP B 50 9.55 -0.77 -9.70
N LEU B 51 10.32 -0.84 -10.78
CA LEU B 51 11.67 -0.28 -10.82
C LEU B 51 11.54 1.23 -10.97
N PRO B 52 12.63 2.01 -10.75
CA PRO B 52 12.50 3.46 -10.72
C PRO B 52 11.77 4.05 -11.91
N MET B 53 12.08 3.59 -13.12
CA MET B 53 11.46 4.16 -14.31
C MET B 53 9.98 3.82 -14.35
N GLY B 54 9.63 2.59 -13.95
CA GLY B 54 8.24 2.17 -13.99
C GLY B 54 7.38 2.92 -12.97
N LEU B 55 7.92 3.13 -11.78
CA LEU B 55 7.20 3.80 -10.72
C LEU B 55 6.80 5.21 -11.16
N ARG B 56 7.67 5.89 -11.89
CA ARG B 56 7.34 7.21 -12.40
C ARG B 56 6.05 7.18 -13.23
N VAL B 57 5.87 6.13 -14.05
CA VAL B 57 4.69 6.01 -14.88
C VAL B 57 3.46 5.75 -14.01
N LEU B 58 3.58 4.79 -13.09
CA LEU B 58 2.50 4.46 -12.17
C LEU B 58 1.99 5.71 -11.45
N ARG B 59 2.91 6.55 -10.95
CA ARG B 59 2.53 7.73 -10.17
C ARG B 59 1.76 8.74 -11.03
N LYS B 60 2.11 8.83 -12.31
CA LYS B 60 1.41 9.72 -13.23
C LYS B 60 -0.04 9.25 -13.43
N VAL B 61 -0.25 7.93 -13.48
CA VAL B 61 -1.60 7.39 -13.59
C VAL B 61 -2.36 7.72 -12.30
N GLU B 62 -1.77 7.42 -11.16
CA GLU B 62 -2.43 7.65 -9.88
C GLU B 62 -2.85 9.11 -9.70
N THR B 63 -1.98 10.05 -10.12
CA THR B 63 -2.27 11.46 -9.94
C THR B 63 -3.54 11.86 -10.71
N ILE B 64 -3.63 11.41 -11.96
CA ILE B 64 -4.77 11.74 -12.81
C ILE B 64 -6.06 11.13 -12.23
N VAL B 65 -5.96 9.88 -11.78
CA VAL B 65 -7.11 9.23 -11.17
C VAL B 65 -7.58 10.01 -9.94
N ARG B 66 -6.64 10.37 -9.05
CA ARG B 66 -6.94 11.12 -7.84
C ARG B 66 -7.61 12.46 -8.16
N GLU B 67 -7.03 13.17 -9.12
CA GLU B 67 -7.56 14.47 -9.52
C GLU B 67 -9.03 14.37 -9.93
N GLU B 68 -9.35 13.39 -10.76
CA GLU B 68 -10.72 13.27 -11.28
C GLU B 68 -11.66 12.74 -10.21
N MET B 69 -11.19 11.85 -9.32
CA MET B 69 -12.04 11.39 -8.24
C MET B 69 -12.38 12.57 -7.32
N ASN B 70 -11.37 13.40 -7.00
CA ASN B 70 -11.57 14.53 -6.12
C ASN B 70 -12.53 15.54 -6.75
N ALA B 71 -12.39 15.77 -8.05
CA ALA B 71 -13.24 16.72 -8.76
C ALA B 71 -14.69 16.25 -8.79
N ALA B 72 -14.89 14.92 -8.74
CA ALA B 72 -16.24 14.35 -8.72
C ALA B 72 -16.82 14.30 -7.31
N GLY B 73 -16.07 14.80 -6.32
CA GLY B 73 -16.56 14.98 -4.96
C GLY B 73 -16.37 13.76 -4.07
N ALA B 74 -15.57 12.78 -4.53
CA ALA B 74 -15.25 11.62 -3.70
C ALA B 74 -14.17 11.97 -2.68
N LEU B 75 -14.19 11.29 -1.53
CA LEU B 75 -13.27 11.56 -0.44
C LEU B 75 -12.26 10.42 -0.32
N GLU B 76 -10.96 10.75 -0.35
CA GLU B 76 -9.94 9.73 -0.31
C GLU B 76 -9.74 9.25 1.13
N VAL B 77 -9.69 7.92 1.26
CA VAL B 77 -9.38 7.22 2.49
C VAL B 77 -8.27 6.20 2.20
N LEU B 78 -7.79 5.51 3.24
CA LEU B 78 -6.90 4.39 2.99
C LEU B 78 -7.17 3.31 4.02
N MET B 79 -7.71 2.19 3.53
CA MET B 79 -8.15 1.10 4.38
C MET B 79 -7.08 0.03 4.45
N PRO B 80 -7.11 -0.84 5.48
CA PRO B 80 -6.11 -1.90 5.59
C PRO B 80 -6.25 -2.99 4.54
N ALA B 81 -5.13 -3.65 4.27
CA ALA B 81 -5.10 -4.81 3.38
C ALA B 81 -5.58 -6.05 4.13
N VAL B 82 -5.02 -6.30 5.32
CA VAL B 82 -5.44 -7.44 6.12
C VAL B 82 -6.78 -7.13 6.79
N GLN B 83 -7.77 -8.04 6.63
CA GLN B 83 -9.15 -7.78 7.02
C GLN B 83 -9.70 -8.96 7.80
N PRO B 84 -10.41 -8.72 8.93
CA PRO B 84 -10.95 -9.81 9.76
C PRO B 84 -12.01 -10.62 9.03
N ALA B 85 -11.95 -11.95 9.22
CA ALA B 85 -12.82 -12.89 8.55
C ALA B 85 -14.28 -12.66 8.91
N GLU B 86 -14.55 -12.16 10.13
CA GLU B 86 -15.90 -11.96 10.63
C GLU B 86 -16.70 -11.04 9.70
N LEU B 87 -16.07 -9.99 9.16
CA LEU B 87 -16.78 -9.14 8.21
C LEU B 87 -17.15 -9.89 6.95
N TRP B 88 -16.23 -10.74 6.45
CA TRP B 88 -16.49 -11.51 5.25
C TRP B 88 -17.56 -12.57 5.49
N GLN B 89 -17.65 -13.06 6.72
CA GLN B 89 -18.70 -14.02 7.07
C GLN B 89 -20.07 -13.33 7.09
N GLU B 90 -20.11 -12.04 7.46
CA GLU B 90 -21.37 -11.30 7.45
C GLU B 90 -21.95 -11.21 6.03
N SER B 91 -21.09 -10.91 5.06
CA SER B 91 -21.51 -10.75 3.68
C SER B 91 -21.72 -12.10 3.00
N GLY B 92 -21.11 -13.15 3.55
CA GLY B 92 -21.11 -14.47 2.94
C GLY B 92 -19.93 -14.71 1.99
N ARG B 93 -19.09 -13.68 1.76
CA ARG B 93 -18.04 -13.82 0.77
C ARG B 93 -16.81 -14.54 1.33
N TRP B 94 -16.70 -14.70 2.65
CA TRP B 94 -15.65 -15.53 3.22
C TRP B 94 -15.59 -16.88 2.50
N GLU B 95 -16.76 -17.49 2.25
CA GLU B 95 -16.84 -18.71 1.46
C GLU B 95 -17.06 -18.40 -0.01
N GLN B 96 -17.96 -17.45 -0.32
CA GLN B 96 -18.47 -17.28 -1.66
C GLN B 96 -17.42 -16.70 -2.61
N TYR B 97 -16.44 -15.93 -2.10
CA TYR B 97 -15.48 -15.28 -2.99
C TYR B 97 -14.71 -16.35 -3.78
N GLY B 98 -14.50 -17.51 -3.14
CA GLY B 98 -13.76 -18.61 -3.74
C GLY B 98 -12.25 -18.53 -3.47
N PRO B 99 -11.46 -19.39 -4.18
CA PRO B 99 -10.05 -19.56 -3.88
C PRO B 99 -9.15 -18.38 -4.23
N GLU B 100 -9.65 -17.37 -4.95
CA GLU B 100 -8.89 -16.15 -5.18
C GLU B 100 -8.74 -15.36 -3.87
N LEU B 101 -9.56 -15.66 -2.86
CA LEU B 101 -9.41 -15.00 -1.56
C LEU B 101 -8.26 -15.65 -0.82
N LEU B 102 -7.23 -14.86 -0.49
CA LEU B 102 -6.09 -15.34 0.27
C LEU B 102 -6.39 -15.25 1.76
N ARG B 103 -6.57 -16.42 2.40
CA ARG B 103 -6.99 -16.51 3.78
C ARG B 103 -5.77 -16.82 4.65
N LEU B 104 -5.73 -16.31 5.89
CA LEU B 104 -4.59 -16.57 6.76
C LEU B 104 -5.01 -16.49 8.22
N LYS B 105 -4.07 -16.84 9.11
CA LYS B 105 -4.28 -16.74 10.55
C LYS B 105 -3.12 -16.00 11.16
N ASP B 106 -3.39 -15.17 12.17
CA ASP B 106 -2.34 -14.46 12.88
C ASP B 106 -1.82 -15.35 14.02
N ARG B 107 -0.92 -14.78 14.84
CA ARG B 107 -0.28 -15.52 15.91
C ARG B 107 -1.25 -15.89 17.03
N HIS B 108 -2.43 -15.27 17.06
CA HIS B 108 -3.47 -15.57 18.05
C HIS B 108 -4.55 -16.49 17.50
N GLU B 109 -4.30 -17.07 16.32
CA GLU B 109 -5.20 -17.99 15.64
C GLU B 109 -6.46 -17.28 15.12
N ARG B 110 -6.46 -15.95 15.08
CA ARG B 110 -7.59 -15.22 14.53
C ARG B 110 -7.45 -15.23 13.01
N GLU B 111 -8.60 -15.21 12.30
CA GLU B 111 -8.61 -15.43 10.86
C GLU B 111 -8.82 -14.12 10.10
N PHE B 112 -8.11 -14.00 8.97
CA PHE B 112 -8.12 -12.81 8.16
C PHE B 112 -8.03 -13.19 6.68
N CYS B 113 -8.30 -12.23 5.80
CA CYS B 113 -7.87 -12.34 4.42
C CYS B 113 -6.98 -11.14 4.10
N VAL B 114 -6.24 -11.25 3.00
CA VAL B 114 -5.66 -10.05 2.38
C VAL B 114 -6.71 -9.56 1.39
N GLY B 115 -7.03 -8.27 1.47
CA GLY B 115 -8.17 -7.74 0.75
C GLY B 115 -8.04 -7.85 -0.77
N PRO B 116 -9.00 -8.53 -1.47
CA PRO B 116 -9.08 -8.46 -2.93
C PRO B 116 -9.89 -7.26 -3.42
N THR B 117 -10.63 -6.66 -2.48
CA THR B 117 -11.57 -5.58 -2.66
C THR B 117 -12.08 -5.24 -1.25
N HIS B 118 -12.86 -4.17 -1.09
CA HIS B 118 -13.11 -3.64 0.24
C HIS B 118 -14.58 -3.34 0.56
N GLU B 119 -15.54 -3.98 -0.13
CA GLU B 119 -16.94 -3.72 0.16
C GLU B 119 -17.25 -3.91 1.67
N GLU B 120 -16.79 -5.02 2.25
CA GLU B 120 -17.12 -5.30 3.64
C GLU B 120 -16.48 -4.28 4.58
N VAL B 121 -15.20 -3.93 4.33
CA VAL B 121 -14.53 -2.97 5.20
C VAL B 121 -15.21 -1.60 5.13
N ILE B 122 -15.53 -1.12 3.94
CA ILE B 122 -16.17 0.19 3.82
C ILE B 122 -17.59 0.16 4.37
N THR B 123 -18.30 -0.97 4.27
CA THR B 123 -19.63 -1.08 4.86
C THR B 123 -19.54 -1.00 6.38
N ASP B 124 -18.56 -1.69 6.97
CA ASP B 124 -18.30 -1.63 8.40
C ASP B 124 -17.98 -0.20 8.82
N LEU B 125 -17.15 0.50 8.03
CA LEU B 125 -16.82 1.89 8.32
C LEU B 125 -18.08 2.75 8.30
N ALA B 126 -18.90 2.58 7.25
CA ALA B 126 -20.12 3.34 7.07
C ALA B 126 -21.09 3.14 8.24
N ARG B 127 -21.26 1.91 8.74
CA ARG B 127 -22.26 1.75 9.79
C ARG B 127 -21.79 2.42 11.08
N ASN B 128 -20.49 2.72 11.20
CA ASN B 128 -19.98 3.45 12.34
C ASN B 128 -19.89 4.96 12.08
N GLU B 129 -19.65 5.36 10.82
CA GLU B 129 -19.32 6.74 10.49
C GLU B 129 -20.52 7.52 9.96
N LEU B 130 -21.52 6.83 9.38
CA LEU B 130 -22.67 7.50 8.78
C LEU B 130 -23.91 7.27 9.65
N ASN B 131 -24.34 8.31 10.37
CA ASN B 131 -25.51 8.16 11.24
C ASN B 131 -26.60 9.17 10.90
N SER B 132 -26.40 10.05 9.91
CA SER B 132 -27.40 11.06 9.57
C SER B 132 -27.58 11.21 8.06
N TYR B 133 -28.83 11.46 7.65
CA TYR B 133 -29.16 11.65 6.25
C TYR B 133 -28.47 12.91 5.72
N LYS B 134 -28.10 13.82 6.63
CA LYS B 134 -27.39 15.04 6.24
C LYS B 134 -26.00 14.74 5.71
N GLN B 135 -25.50 13.52 5.91
CA GLN B 135 -24.16 13.17 5.47
C GLN B 135 -24.21 12.59 4.05
N LEU B 136 -25.42 12.33 3.56
CA LEU B 136 -25.56 11.60 2.31
C LEU B 136 -26.06 12.52 1.21
N PRO B 137 -25.67 12.26 -0.07
CA PRO B 137 -24.83 11.12 -0.44
C PRO B 137 -23.34 11.34 -0.14
N ILE B 138 -22.57 10.24 -0.09
CA ILE B 138 -21.14 10.33 0.16
C ILE B 138 -20.44 9.22 -0.62
N ASN B 139 -19.20 9.50 -1.06
CA ASN B 139 -18.45 8.59 -1.89
C ASN B 139 -17.00 8.60 -1.39
N PHE B 140 -16.54 7.43 -0.90
CA PHE B 140 -15.19 7.24 -0.41
C PHE B 140 -14.39 6.42 -1.42
N TYR B 141 -13.11 6.74 -1.59
CA TYR B 141 -12.26 5.96 -2.47
C TYR B 141 -10.84 5.84 -1.90
N GLN B 142 -10.12 4.83 -2.38
CA GLN B 142 -8.74 4.64 -2.04
C GLN B 142 -8.01 4.21 -3.29
N ILE B 143 -6.69 4.42 -3.28
CA ILE B 143 -5.77 3.82 -4.22
C ILE B 143 -4.87 2.93 -3.39
N GLN B 144 -5.02 1.62 -3.55
CA GLN B 144 -4.55 0.69 -2.53
C GLN B 144 -4.27 -0.66 -3.21
N THR B 145 -3.26 -1.38 -2.70
CA THR B 145 -2.83 -2.62 -3.30
C THR B 145 -3.72 -3.78 -2.86
N LYS B 146 -4.30 -4.46 -3.84
CA LYS B 146 -5.16 -5.62 -3.61
C LYS B 146 -4.36 -6.91 -3.80
N PHE B 147 -4.92 -8.02 -3.30
CA PHE B 147 -4.39 -9.35 -3.57
C PHE B 147 -5.54 -10.24 -4.00
N ARG B 148 -5.38 -10.83 -5.18
CA ARG B 148 -6.26 -11.88 -5.67
C ARG B 148 -5.41 -13.07 -6.10
N ASP B 149 -5.70 -14.26 -5.55
CA ASP B 149 -4.90 -15.43 -5.83
C ASP B 149 -5.38 -16.06 -7.15
N GLU B 150 -5.12 -15.32 -8.22
CA GLU B 150 -5.40 -15.71 -9.60
C GLU B 150 -4.77 -17.08 -9.85
N ILE B 151 -5.52 -18.04 -10.40
CA ILE B 151 -5.03 -19.42 -10.42
C ILE B 151 -3.76 -19.53 -11.28
N ARG B 152 -3.71 -18.77 -12.38
CA ARG B 152 -2.57 -18.77 -13.30
C ARG B 152 -2.17 -17.34 -13.59
N PRO B 153 -1.43 -16.68 -12.67
CA PRO B 153 -1.01 -15.29 -12.90
C PRO B 153 -0.29 -15.24 -14.25
N ARG B 154 -0.67 -14.27 -15.08
CA ARG B 154 -0.10 -14.21 -16.42
C ARG B 154 -0.22 -12.79 -16.96
N PHE B 155 0.34 -12.60 -18.17
CA PHE B 155 0.23 -11.34 -18.91
C PHE B 155 0.86 -10.19 -18.12
N GLY B 156 1.88 -10.47 -17.31
CA GLY B 156 2.59 -9.44 -16.56
C GLY B 156 1.65 -8.72 -15.58
N LEU B 157 1.49 -7.40 -15.76
CA LEU B 157 0.67 -6.60 -14.86
C LEU B 157 -0.83 -6.84 -15.09
N MET B 158 -1.22 -7.47 -16.22
CA MET B 158 -2.64 -7.53 -16.56
C MET B 158 -3.39 -8.53 -15.67
N ARG B 159 -2.74 -9.64 -15.32
CA ARG B 159 -3.33 -10.66 -14.46
C ARG B 159 -2.30 -11.04 -13.41
N GLY B 160 -1.96 -10.07 -12.56
CA GLY B 160 -1.09 -10.30 -11.44
C GLY B 160 -1.87 -10.81 -10.24
N ARG B 161 -1.19 -11.02 -9.12
CA ARG B 161 -1.87 -11.37 -7.88
C ARG B 161 -1.95 -10.15 -7.00
N GLU B 162 -0.84 -9.40 -6.90
CA GLU B 162 -0.83 -8.14 -6.19
C GLU B 162 -0.88 -7.05 -7.25
N PHE B 163 -1.86 -6.15 -7.14
CA PHE B 163 -2.06 -5.11 -8.12
C PHE B 163 -2.68 -3.88 -7.44
N ILE B 164 -2.55 -2.73 -8.08
CA ILE B 164 -3.05 -1.49 -7.51
C ILE B 164 -4.41 -1.21 -8.13
N MET B 165 -5.38 -0.94 -7.25
CA MET B 165 -6.72 -0.60 -7.69
C MET B 165 -7.10 0.74 -7.08
N LYS B 166 -7.82 1.55 -7.84
CA LYS B 166 -8.61 2.63 -7.26
C LYS B 166 -10.02 2.09 -7.08
N ASP B 167 -10.48 2.00 -5.83
CA ASP B 167 -11.81 1.50 -5.48
C ASP B 167 -12.54 2.57 -4.69
N ALA B 168 -13.74 2.92 -5.19
CA ALA B 168 -14.65 3.85 -4.57
C ALA B 168 -15.98 3.15 -4.24
N TYR B 169 -16.67 3.71 -3.25
CA TYR B 169 -17.88 3.15 -2.69
C TYR B 169 -18.79 4.29 -2.26
N SER B 170 -20.00 4.34 -2.82
CA SER B 170 -20.91 5.45 -2.54
C SER B 170 -22.15 4.94 -1.83
N PHE B 171 -22.72 5.84 -0.99
CA PHE B 171 -23.80 5.51 -0.08
C PHE B 171 -24.92 6.52 -0.27
N HIS B 172 -26.17 6.00 -0.29
CA HIS B 172 -27.33 6.78 -0.70
C HIS B 172 -28.61 6.34 0.02
N LEU B 173 -29.54 7.29 0.14
CA LEU B 173 -30.84 7.03 0.73
C LEU B 173 -31.89 6.66 -0.32
N SER B 174 -31.57 6.82 -1.60
CA SER B 174 -32.51 6.51 -2.66
C SER B 174 -31.77 6.04 -3.90
N GLN B 175 -32.52 5.36 -4.78
CA GLN B 175 -32.00 4.88 -6.05
C GLN B 175 -31.64 6.06 -6.96
N ASP B 176 -32.45 7.12 -6.93
N ASP B 176 -32.44 7.13 -6.94
CA ASP B 176 -32.17 8.29 -7.75
CA ASP B 176 -32.17 8.29 -7.77
C ASP B 176 -30.84 8.93 -7.36
C ASP B 176 -30.86 8.95 -7.37
N SER B 177 -30.57 8.97 -6.06
CA SER B 177 -29.33 9.52 -5.54
C SER B 177 -28.14 8.68 -6.03
N LEU B 178 -28.27 7.35 -5.97
CA LEU B 178 -27.22 6.48 -6.48
C LEU B 178 -26.98 6.77 -7.96
N GLN B 179 -28.06 6.87 -8.74
CA GLN B 179 -27.92 7.08 -10.17
C GLN B 179 -27.12 8.35 -10.44
N GLN B 180 -27.36 9.42 -9.67
CA GLN B 180 -26.63 10.66 -9.89
C GLN B 180 -25.13 10.43 -9.67
N THR B 181 -24.74 9.77 -8.58
CA THR B 181 -23.33 9.54 -8.31
C THR B 181 -22.73 8.59 -9.35
N TYR B 182 -23.44 7.51 -9.69
CA TYR B 182 -22.99 6.56 -10.68
C TYR B 182 -22.69 7.24 -12.00
N ASP B 183 -23.62 8.09 -12.45
CA ASP B 183 -23.41 8.87 -13.66
C ASP B 183 -22.17 9.76 -13.55
N GLY B 184 -21.99 10.40 -12.39
CA GLY B 184 -20.82 11.20 -12.14
C GLY B 184 -19.52 10.40 -12.20
N MET B 185 -19.55 9.16 -11.67
CA MET B 185 -18.39 8.28 -11.75
C MET B 185 -18.12 7.86 -13.19
N TYR B 186 -19.18 7.53 -13.94
CA TYR B 186 -19.03 7.20 -15.35
C TYR B 186 -18.35 8.35 -16.09
N GLN B 187 -18.77 9.59 -15.80
CA GLN B 187 -18.21 10.78 -16.46
C GLN B 187 -16.77 10.99 -16.01
N ALA B 188 -16.47 10.78 -14.73
CA ALA B 188 -15.13 10.92 -14.21
C ALA B 188 -14.19 9.90 -14.87
N TYR B 189 -14.67 8.67 -15.04
CA TYR B 189 -13.90 7.63 -15.70
C TYR B 189 -13.57 8.06 -17.13
N SER B 190 -14.56 8.61 -17.86
N SER B 190 -14.56 8.62 -17.84
CA SER B 190 -14.34 9.07 -19.21
CA SER B 190 -14.35 9.05 -19.20
C SER B 190 -13.23 10.09 -19.25
C SER B 190 -13.23 10.09 -19.25
N LYS B 191 -13.22 11.01 -18.27
CA LYS B 191 -12.20 12.04 -18.21
C LYS B 191 -10.84 11.42 -17.91
N ILE B 192 -10.82 10.43 -17.01
CA ILE B 192 -9.57 9.80 -16.61
C ILE B 192 -8.92 9.17 -17.84
N PHE B 193 -9.67 8.34 -18.56
CA PHE B 193 -9.05 7.60 -19.64
C PHE B 193 -8.72 8.52 -20.81
N SER B 194 -9.48 9.62 -20.96
CA SER B 194 -9.19 10.64 -21.96
C SER B 194 -7.87 11.35 -21.63
N ARG B 195 -7.67 11.72 -20.36
CA ARG B 195 -6.47 12.42 -19.93
C ARG B 195 -5.25 11.49 -19.99
N LEU B 196 -5.46 10.18 -19.83
CA LEU B 196 -4.37 9.22 -19.95
C LEU B 196 -4.00 8.98 -21.41
N GLY B 197 -4.74 9.58 -22.35
CA GLY B 197 -4.41 9.50 -23.76
C GLY B 197 -4.67 8.13 -24.37
N LEU B 198 -5.63 7.39 -23.80
CA LEU B 198 -5.92 6.05 -24.26
C LEU B 198 -7.18 6.07 -25.12
N ASP B 199 -7.19 5.25 -26.16
CA ASP B 199 -8.38 5.02 -26.94
C ASP B 199 -9.20 3.97 -26.21
N PHE B 200 -10.34 4.38 -25.67
CA PHE B 200 -11.14 3.55 -24.78
C PHE B 200 -12.60 3.69 -25.17
N ARG B 201 -13.43 2.73 -24.71
CA ARG B 201 -14.87 2.84 -24.82
C ARG B 201 -15.51 2.30 -23.55
N PRO B 202 -16.56 2.97 -23.05
CA PRO B 202 -17.45 2.42 -22.03
C PRO B 202 -18.49 1.53 -22.71
N VAL B 203 -18.84 0.44 -22.02
CA VAL B 203 -19.82 -0.52 -22.51
C VAL B 203 -20.72 -0.94 -21.34
N GLN B 204 -21.98 -1.28 -21.65
CA GLN B 204 -22.84 -1.94 -20.70
C GLN B 204 -22.27 -3.29 -20.34
N ALA B 205 -22.45 -3.67 -19.06
CA ALA B 205 -21.99 -4.95 -18.54
C ALA B 205 -23.16 -5.66 -17.84
N ASP B 206 -22.93 -6.93 -17.51
CA ASP B 206 -23.93 -7.74 -16.81
C ASP B 206 -24.18 -7.19 -15.40
N ASN B 207 -25.47 -7.09 -15.04
N ASN B 207 -25.43 -7.04 -14.97
CA ASN B 207 -25.89 -6.67 -13.70
CA ASN B 207 -25.69 -6.78 -13.55
C ASN B 207 -26.52 -7.85 -12.96
C ASN B 207 -26.72 -7.80 -13.05
N GLY B 208 -26.68 -9.00 -13.63
CA GLY B 208 -27.25 -10.19 -13.00
C GLY B 208 -28.75 -10.34 -13.22
N SER B 209 -29.33 -9.51 -14.08
CA SER B 209 -30.70 -9.71 -14.50
C SER B 209 -30.84 -9.36 -15.97
N ILE B 210 -31.97 -9.78 -16.55
CA ILE B 210 -32.29 -9.52 -17.94
C ILE B 210 -32.67 -8.06 -18.05
N GLY B 211 -31.96 -7.33 -18.91
CA GLY B 211 -32.19 -5.90 -19.07
C GLY B 211 -31.55 -5.10 -17.93
N GLY B 212 -31.87 -3.81 -17.87
CA GLY B 212 -31.33 -2.97 -16.83
C GLY B 212 -29.92 -2.49 -17.17
N SER B 213 -29.43 -1.54 -16.36
CA SER B 213 -28.26 -0.77 -16.71
C SER B 213 -27.45 -0.44 -15.46
N GLY B 214 -27.34 -1.41 -14.55
CA GLY B 214 -26.68 -1.18 -13.27
C GLY B 214 -25.18 -1.50 -13.27
N SER B 215 -24.58 -1.80 -14.43
CA SER B 215 -23.15 -2.03 -14.49
C SER B 215 -22.59 -1.64 -15.85
N HIS B 216 -21.39 -1.03 -15.83
CA HIS B 216 -20.67 -0.64 -17.03
C HIS B 216 -19.19 -0.93 -16.85
N GLU B 217 -18.53 -1.23 -17.97
CA GLU B 217 -17.09 -1.45 -18.01
C GLU B 217 -16.45 -0.42 -18.92
N PHE B 218 -15.18 -0.10 -18.64
CA PHE B 218 -14.37 0.75 -19.47
C PHE B 218 -13.21 -0.09 -19.98
N HIS B 219 -13.03 -0.08 -21.31
CA HIS B 219 -12.06 -0.91 -21.99
C HIS B 219 -11.09 -0.07 -22.81
N VAL B 220 -9.82 -0.41 -22.72
CA VAL B 220 -8.80 0.07 -23.65
C VAL B 220 -8.83 -0.82 -24.89
N LEU B 221 -9.01 -0.21 -26.09
CA LEU B 221 -9.07 -1.00 -27.32
C LEU B 221 -7.68 -1.51 -27.68
N ALA B 222 -7.53 -2.82 -27.86
CA ALA B 222 -6.24 -3.39 -28.17
C ALA B 222 -6.43 -4.75 -28.85
N ASN B 223 -5.55 -5.06 -29.81
CA ASN B 223 -5.62 -6.31 -30.55
C ASN B 223 -5.50 -7.53 -29.64
N SER B 224 -4.73 -7.42 -28.53
CA SER B 224 -4.53 -8.52 -27.61
C SER B 224 -5.64 -8.63 -26.56
N GLY B 225 -6.60 -7.70 -26.57
CA GLY B 225 -7.62 -7.70 -25.53
C GLY B 225 -8.37 -9.02 -25.43
N GLU B 226 -8.52 -9.52 -24.20
CA GLU B 226 -9.19 -10.78 -23.92
C GLU B 226 -10.72 -10.66 -24.03
N ASP B 227 -11.26 -9.45 -23.96
CA ASP B 227 -12.70 -9.29 -23.88
C ASP B 227 -13.23 -8.82 -25.23
N ASP B 228 -14.32 -9.45 -25.68
CA ASP B 228 -15.07 -8.99 -26.84
C ASP B 228 -16.09 -7.94 -26.40
N ILE B 229 -16.11 -6.79 -27.10
CA ILE B 229 -17.01 -5.70 -26.80
C ILE B 229 -17.67 -5.30 -28.10
N VAL B 230 -18.94 -4.87 -28.01
CA VAL B 230 -19.83 -4.77 -29.15
C VAL B 230 -20.39 -3.35 -29.24
N PHE B 231 -20.43 -2.83 -30.47
CA PHE B 231 -20.87 -1.48 -30.74
C PHE B 231 -21.78 -1.47 -31.96
N SER B 232 -22.86 -0.69 -31.88
CA SER B 232 -23.62 -0.31 -33.07
C SER B 232 -22.85 0.74 -33.85
N ASP B 233 -22.82 0.59 -35.17
CA ASP B 233 -22.17 1.57 -36.04
C ASP B 233 -22.97 2.86 -36.14
N SER B 234 -24.29 2.83 -35.84
CA SER B 234 -25.17 3.95 -36.13
C SER B 234 -25.75 4.56 -34.86
N SER B 235 -25.60 3.90 -33.71
CA SER B 235 -26.20 4.40 -32.47
C SER B 235 -25.17 4.36 -31.34
N ASP B 236 -25.61 4.75 -30.15
CA ASP B 236 -24.73 4.80 -28.98
C ASP B 236 -24.63 3.42 -28.33
N TYR B 237 -25.30 2.41 -28.88
CA TYR B 237 -25.34 1.09 -28.25
C TYR B 237 -23.92 0.51 -28.11
N ALA B 238 -23.59 0.07 -26.90
CA ALA B 238 -22.26 -0.43 -26.59
C ALA B 238 -22.38 -1.40 -25.42
N ALA B 239 -21.91 -2.63 -25.60
CA ALA B 239 -22.04 -3.64 -24.55
C ALA B 239 -20.93 -4.66 -24.70
N ASN B 240 -20.51 -5.24 -23.57
CA ASN B 240 -19.66 -6.40 -23.67
C ASN B 240 -20.48 -7.57 -24.20
N ILE B 241 -19.81 -8.59 -24.73
CA ILE B 241 -20.47 -9.72 -25.38
C ILE B 241 -21.40 -10.42 -24.39
N GLU B 242 -21.08 -10.44 -23.09
CA GLU B 242 -21.95 -11.05 -22.09
C GLU B 242 -23.32 -10.36 -22.08
N LYS B 243 -23.31 -9.03 -22.25
CA LYS B 243 -24.47 -8.19 -22.01
C LYS B 243 -25.20 -7.91 -23.33
N ALA B 244 -24.50 -7.97 -24.46
CA ALA B 244 -25.04 -7.47 -25.72
C ALA B 244 -26.28 -8.25 -26.14
N GLU B 245 -27.39 -7.53 -26.35
CA GLU B 245 -28.66 -8.14 -26.70
C GLU B 245 -28.61 -8.60 -28.15
N ALA B 246 -29.06 -9.84 -28.37
CA ALA B 246 -29.12 -10.40 -29.71
C ALA B 246 -30.57 -10.41 -30.19
N VAL B 247 -30.79 -9.93 -31.43
CA VAL B 247 -32.08 -10.05 -32.08
C VAL B 247 -31.89 -10.77 -33.40
N PRO B 248 -32.92 -11.46 -33.96
CA PRO B 248 -32.73 -12.20 -35.20
C PRO B 248 -32.53 -11.34 -36.45
N ARG B 249 -31.81 -11.88 -37.41
CA ARG B 249 -31.67 -11.28 -38.73
C ARG B 249 -32.92 -11.48 -39.58
N GLU B 250 -33.64 -12.58 -39.36
CA GLU B 250 -34.87 -12.89 -40.08
C GLU B 250 -36.04 -12.18 -39.43
N SER B 251 -37.06 -11.84 -40.23
CA SER B 251 -38.23 -11.14 -39.72
C SER B 251 -39.42 -12.08 -39.51
N ALA B 252 -39.41 -13.24 -40.16
CA ALA B 252 -40.55 -14.14 -40.11
C ALA B 252 -40.08 -15.60 -40.17
N ARG B 253 -40.90 -16.49 -39.61
CA ARG B 253 -40.65 -17.91 -39.75
C ARG B 253 -41.12 -18.38 -41.14
N GLY B 254 -40.28 -19.18 -41.82
CA GLY B 254 -40.65 -19.75 -43.10
C GLY B 254 -41.74 -20.82 -42.96
N SER B 255 -42.46 -21.06 -44.05
CA SER B 255 -43.47 -22.10 -44.13
C SER B 255 -42.80 -23.48 -44.20
N ALA B 256 -43.45 -24.47 -43.58
CA ALA B 256 -43.00 -25.85 -43.64
C ALA B 256 -43.07 -26.35 -45.08
N THR B 257 -41.94 -26.81 -45.62
CA THR B 257 -41.91 -27.39 -46.95
C THR B 257 -41.59 -28.88 -46.90
N GLU B 258 -41.18 -29.39 -45.73
CA GLU B 258 -40.77 -30.79 -45.59
C GLU B 258 -41.55 -31.41 -44.45
N ASP B 259 -41.80 -32.73 -44.55
CA ASP B 259 -42.37 -33.50 -43.46
C ASP B 259 -41.27 -33.96 -42.52
N MET B 260 -41.60 -34.10 -41.24
CA MET B 260 -40.60 -34.52 -40.26
C MET B 260 -40.39 -36.02 -40.39
N ARG B 261 -39.14 -36.45 -40.23
CA ARG B 261 -38.77 -37.85 -40.39
C ARG B 261 -37.58 -38.18 -39.49
N LEU B 262 -37.55 -39.42 -39.01
CA LEU B 262 -36.50 -39.90 -38.12
C LEU B 262 -35.39 -40.55 -38.94
N VAL B 263 -34.16 -40.12 -38.67
CA VAL B 263 -33.00 -40.49 -39.48
C VAL B 263 -31.95 -41.09 -38.55
N ASP B 264 -31.36 -42.21 -38.97
CA ASP B 264 -30.24 -42.80 -38.28
C ASP B 264 -28.99 -41.95 -38.52
N THR B 265 -28.31 -41.57 -37.44
CA THR B 265 -27.18 -40.65 -37.51
C THR B 265 -26.07 -41.12 -36.57
N PRO B 266 -25.43 -42.29 -36.79
CA PRO B 266 -24.31 -42.71 -35.96
C PRO B 266 -23.12 -41.77 -36.19
N ASN B 267 -22.24 -41.66 -35.18
CA ASN B 267 -21.08 -40.78 -35.25
C ASN B 267 -21.47 -39.37 -35.69
N THR B 268 -22.59 -38.84 -35.17
CA THR B 268 -23.02 -37.48 -35.49
C THR B 268 -23.39 -36.78 -34.19
N LYS B 269 -22.37 -36.25 -33.51
CA LYS B 269 -22.58 -35.64 -32.20
C LYS B 269 -22.17 -34.17 -32.18
N THR B 270 -21.88 -33.59 -33.36
CA THR B 270 -21.53 -32.19 -33.46
C THR B 270 -22.28 -31.55 -34.63
N ILE B 271 -22.38 -30.23 -34.60
CA ILE B 271 -22.99 -29.49 -35.68
C ILE B 271 -22.23 -29.76 -36.97
N ALA B 272 -20.89 -29.85 -36.89
CA ALA B 272 -20.10 -29.98 -38.11
C ALA B 272 -20.38 -31.33 -38.77
N ALA B 273 -20.44 -32.39 -37.96
CA ALA B 273 -20.73 -33.73 -38.46
C ALA B 273 -22.10 -33.78 -39.13
N LEU B 274 -23.06 -32.99 -38.62
CA LEU B 274 -24.40 -32.99 -39.16
C LEU B 274 -24.47 -32.18 -40.46
N VAL B 275 -23.85 -31.01 -40.46
CA VAL B 275 -23.79 -30.16 -41.65
C VAL B 275 -23.07 -30.89 -42.79
N ASP B 276 -21.91 -31.47 -42.48
CA ASP B 276 -21.06 -32.10 -43.49
C ASP B 276 -21.68 -33.45 -43.88
N GLY B 277 -22.09 -34.22 -42.87
CA GLY B 277 -22.58 -35.58 -43.03
C GLY B 277 -23.86 -35.66 -43.86
N PHE B 278 -24.75 -34.68 -43.69
CA PHE B 278 -26.08 -34.75 -44.28
C PHE B 278 -26.33 -33.56 -45.17
N GLN B 279 -25.30 -32.72 -45.38
CA GLN B 279 -25.35 -31.67 -46.38
C GLN B 279 -26.51 -30.72 -46.06
N LEU B 280 -26.66 -30.39 -44.76
CA LEU B 280 -27.67 -29.43 -44.33
C LEU B 280 -26.99 -28.08 -44.16
N PRO B 281 -27.68 -26.94 -44.42
CA PRO B 281 -27.15 -25.62 -44.03
C PRO B 281 -27.08 -25.52 -42.51
N ILE B 282 -26.05 -24.83 -42.00
CA ILE B 282 -25.86 -24.72 -40.56
C ILE B 282 -27.06 -23.97 -39.95
N GLU B 283 -27.69 -23.07 -40.70
CA GLU B 283 -28.84 -22.30 -40.23
C GLU B 283 -30.07 -23.19 -40.08
N LYS B 284 -29.98 -24.47 -40.45
CA LYS B 284 -31.06 -25.44 -40.30
C LYS B 284 -30.76 -26.45 -39.19
N THR B 285 -29.73 -26.18 -38.38
CA THR B 285 -29.37 -27.06 -37.28
C THR B 285 -29.51 -26.32 -35.96
N ILE B 286 -29.60 -27.07 -34.85
CA ILE B 286 -29.72 -26.50 -33.51
C ILE B 286 -28.80 -27.25 -32.54
N LYS B 287 -28.33 -26.51 -31.53
CA LYS B 287 -27.62 -27.09 -30.41
C LYS B 287 -28.56 -27.09 -29.21
N THR B 288 -28.59 -28.22 -28.49
CA THR B 288 -29.39 -28.36 -27.29
C THR B 288 -28.46 -28.59 -26.10
N LEU B 289 -28.44 -27.64 -25.16
CA LEU B 289 -27.60 -27.67 -23.99
C LEU B 289 -28.48 -27.89 -22.78
N VAL B 290 -28.14 -28.86 -21.93
CA VAL B 290 -28.96 -29.12 -20.74
C VAL B 290 -28.23 -28.56 -19.52
N VAL B 291 -28.97 -27.77 -18.73
CA VAL B 291 -28.45 -27.09 -17.55
C VAL B 291 -29.36 -27.36 -16.35
N HIS B 292 -28.83 -27.10 -15.17
CA HIS B 292 -29.59 -27.27 -13.95
C HIS B 292 -30.65 -26.16 -13.84
N GLY B 293 -31.87 -26.56 -13.47
CA GLY B 293 -32.94 -25.63 -13.16
C GLY B 293 -32.74 -25.00 -11.79
N ALA B 294 -33.35 -23.85 -11.59
CA ALA B 294 -33.33 -23.16 -10.31
C ALA B 294 -34.06 -23.99 -9.25
N GLU B 295 -35.17 -24.63 -9.64
CA GLU B 295 -35.87 -25.59 -8.79
C GLU B 295 -34.97 -26.82 -8.60
N GLU B 296 -34.67 -27.14 -7.33
CA GLU B 296 -33.74 -28.20 -6.98
C GLU B 296 -34.11 -29.51 -7.68
N GLY B 297 -33.12 -30.13 -8.34
CA GLY B 297 -33.27 -31.43 -8.97
C GLY B 297 -33.87 -31.40 -10.38
N THR B 298 -34.15 -30.21 -10.93
CA THR B 298 -34.73 -30.09 -12.25
C THR B 298 -33.66 -29.74 -13.29
N LEU B 299 -34.01 -29.95 -14.57
CA LEU B 299 -33.15 -29.64 -15.69
C LEU B 299 -33.91 -28.77 -16.68
N VAL B 300 -33.17 -27.95 -17.42
CA VAL B 300 -33.74 -27.10 -18.45
C VAL B 300 -32.89 -27.26 -19.70
N ALA B 301 -33.56 -27.41 -20.86
CA ALA B 301 -32.87 -27.44 -22.13
C ALA B 301 -32.88 -26.05 -22.74
N LEU B 302 -31.69 -25.58 -23.15
CA LEU B 302 -31.52 -24.29 -23.80
C LEU B 302 -31.06 -24.53 -25.24
N ILE B 303 -31.73 -23.89 -26.22
CA ILE B 303 -31.47 -24.22 -27.61
C ILE B 303 -31.05 -22.96 -28.38
N VAL B 304 -29.92 -23.06 -29.08
CA VAL B 304 -29.49 -22.03 -30.02
C VAL B 304 -29.31 -22.69 -31.38
N ARG B 305 -29.32 -21.85 -32.42
CA ARG B 305 -29.03 -22.30 -33.77
C ARG B 305 -27.58 -22.77 -33.86
N GLY B 306 -27.33 -23.65 -34.83
CA GLY B 306 -26.07 -24.38 -34.93
C GLY B 306 -24.84 -23.50 -35.17
N ASP B 307 -25.03 -22.32 -35.75
CA ASP B 307 -23.95 -21.39 -36.02
C ASP B 307 -23.73 -20.44 -34.84
N HIS B 308 -24.57 -20.56 -33.80
CA HIS B 308 -24.52 -19.67 -32.66
C HIS B 308 -23.97 -20.39 -31.44
N GLU B 309 -23.70 -19.61 -30.40
CA GLU B 309 -23.13 -20.05 -29.13
C GLU B 309 -24.07 -19.62 -28.02
N LEU B 310 -24.22 -20.49 -27.01
CA LEU B 310 -24.97 -20.14 -25.82
C LEU B 310 -24.18 -19.08 -25.05
N ASN B 311 -24.85 -17.99 -24.72
CA ASN B 311 -24.35 -16.97 -23.81
C ASN B 311 -24.68 -17.42 -22.39
N GLU B 312 -23.65 -17.73 -21.60
CA GLU B 312 -23.85 -18.36 -20.31
C GLU B 312 -24.41 -17.38 -19.28
N ILE B 313 -24.21 -16.07 -19.51
CA ILE B 313 -24.76 -15.04 -18.64
C ILE B 313 -26.26 -14.92 -18.88
N LYS B 314 -26.65 -14.84 -20.16
CA LYS B 314 -28.05 -14.83 -20.53
C LYS B 314 -28.74 -16.09 -20.02
N ALA B 315 -28.09 -17.24 -20.17
CA ALA B 315 -28.65 -18.50 -19.67
C ALA B 315 -28.91 -18.43 -18.16
N ALA B 316 -27.90 -18.06 -17.37
CA ALA B 316 -28.03 -18.05 -15.91
C ALA B 316 -29.11 -17.06 -15.48
N ASN B 317 -29.23 -15.94 -16.20
CA ASN B 317 -30.13 -14.86 -15.83
C ASN B 317 -31.60 -15.24 -16.09
N GLN B 318 -31.86 -16.30 -16.88
CA GLN B 318 -33.23 -16.79 -16.97
C GLN B 318 -33.68 -17.26 -15.58
N PRO B 319 -34.83 -16.80 -15.05
CA PRO B 319 -35.30 -17.23 -13.73
C PRO B 319 -35.40 -18.76 -13.55
N LEU B 320 -35.77 -19.48 -14.62
CA LEU B 320 -35.93 -20.93 -14.57
C LEU B 320 -34.60 -21.65 -14.38
N VAL B 321 -33.49 -21.00 -14.76
CA VAL B 321 -32.18 -21.61 -14.85
C VAL B 321 -31.39 -21.23 -13.60
N ALA B 322 -30.72 -22.21 -12.96
CA ALA B 322 -29.97 -21.93 -11.75
C ALA B 322 -28.81 -20.99 -12.09
N SER B 323 -28.56 -20.04 -11.19
CA SER B 323 -27.46 -19.09 -11.34
C SER B 323 -26.60 -19.20 -10.09
N PRO B 324 -25.27 -19.42 -10.21
CA PRO B 324 -24.59 -19.49 -11.50
C PRO B 324 -24.90 -20.76 -12.29
N LEU B 325 -24.54 -20.73 -13.57
CA LEU B 325 -24.89 -21.76 -14.52
C LEU B 325 -24.16 -23.06 -14.19
N VAL B 326 -24.93 -24.16 -14.14
CA VAL B 326 -24.37 -25.49 -14.00
C VAL B 326 -24.89 -26.35 -15.14
N PHE B 327 -23.98 -26.99 -15.87
CA PHE B 327 -24.35 -27.87 -16.96
C PHE B 327 -24.65 -29.25 -16.37
N ALA B 328 -25.70 -29.88 -16.91
CA ALA B 328 -26.02 -31.25 -16.54
C ALA B 328 -24.91 -32.18 -17.01
N SER B 329 -24.62 -33.19 -16.19
CA SER B 329 -23.66 -34.23 -16.53
C SER B 329 -24.27 -35.16 -17.58
N GLU B 330 -23.42 -35.96 -18.24
CA GLU B 330 -23.91 -36.97 -19.17
C GLU B 330 -24.87 -37.93 -18.46
N ALA B 331 -24.54 -38.34 -17.23
CA ALA B 331 -25.37 -39.29 -16.49
C ALA B 331 -26.75 -38.68 -16.20
N GLU B 332 -26.78 -37.39 -15.83
CA GLU B 332 -28.05 -36.71 -15.55
C GLU B 332 -28.88 -36.63 -16.82
N ILE B 333 -28.24 -36.30 -17.94
CA ILE B 333 -28.91 -36.17 -19.22
C ILE B 333 -29.49 -37.52 -19.65
N ARG B 334 -28.69 -38.59 -19.55
CA ARG B 334 -29.14 -39.91 -19.97
C ARG B 334 -30.31 -40.37 -19.11
N ALA B 335 -30.24 -40.10 -17.80
CA ALA B 335 -31.30 -40.49 -16.88
C ALA B 335 -32.60 -39.74 -17.18
N ALA B 336 -32.51 -38.43 -17.42
CA ALA B 336 -33.70 -37.61 -17.66
C ALA B 336 -34.31 -37.91 -19.02
N ILE B 337 -33.48 -38.04 -20.06
CA ILE B 337 -33.98 -38.01 -21.42
C ILE B 337 -33.95 -39.39 -22.07
N GLY B 338 -33.00 -40.25 -21.69
CA GLY B 338 -32.86 -41.57 -22.32
C GLY B 338 -31.96 -41.55 -23.55
N ALA B 339 -31.26 -40.43 -23.76
CA ALA B 339 -30.22 -40.36 -24.77
C ALA B 339 -29.17 -39.38 -24.27
N GLY B 340 -28.02 -39.33 -24.96
CA GLY B 340 -26.89 -38.55 -24.48
C GLY B 340 -26.62 -37.31 -25.32
N PRO B 341 -25.65 -36.48 -24.91
CA PRO B 341 -25.21 -35.34 -25.72
C PRO B 341 -24.89 -35.83 -27.14
N GLY B 342 -25.27 -35.00 -28.12
CA GLY B 342 -25.12 -35.34 -29.51
C GLY B 342 -26.43 -35.85 -30.13
N SER B 343 -27.38 -36.30 -29.28
CA SER B 343 -28.62 -36.88 -29.79
C SER B 343 -29.84 -36.21 -29.13
N LEU B 344 -29.71 -34.96 -28.70
CA LEU B 344 -30.78 -34.29 -27.98
C LEU B 344 -31.50 -33.29 -28.87
N GLY B 345 -32.74 -32.96 -28.48
CA GLY B 345 -33.50 -31.93 -29.15
C GLY B 345 -34.86 -31.70 -28.50
N PRO B 346 -35.70 -30.85 -29.10
CA PRO B 346 -36.93 -30.41 -28.45
C PRO B 346 -38.15 -31.32 -28.66
N VAL B 347 -38.06 -32.27 -29.60
CA VAL B 347 -39.18 -33.16 -29.88
C VAL B 347 -39.17 -34.30 -28.86
N ASN B 348 -40.31 -34.54 -28.20
CA ASN B 348 -40.43 -35.57 -27.17
C ASN B 348 -39.41 -35.35 -26.07
N LEU B 349 -39.21 -34.08 -25.69
CA LEU B 349 -38.27 -33.72 -24.65
C LEU B 349 -39.03 -33.68 -23.33
N PRO B 350 -38.65 -34.47 -22.31
CA PRO B 350 -39.41 -34.51 -21.06
C PRO B 350 -39.01 -33.51 -19.98
N ILE B 351 -38.22 -32.50 -20.36
CA ILE B 351 -37.84 -31.40 -19.48
C ILE B 351 -38.23 -30.08 -20.13
N ALA B 352 -38.29 -29.03 -19.32
CA ALA B 352 -38.58 -27.69 -19.77
C ALA B 352 -37.53 -27.26 -20.79
N CYS B 353 -37.97 -26.39 -21.70
CA CYS B 353 -37.14 -25.94 -22.80
C CYS B 353 -37.29 -24.44 -22.99
N ILE B 354 -36.19 -23.74 -23.27
CA ILE B 354 -36.21 -22.35 -23.73
C ILE B 354 -35.38 -22.29 -25.01
N VAL B 355 -35.92 -21.64 -26.05
CA VAL B 355 -35.25 -21.53 -27.32
C VAL B 355 -34.85 -20.07 -27.56
N ASP B 356 -33.75 -19.90 -28.30
CA ASP B 356 -33.29 -18.59 -28.69
C ASP B 356 -34.26 -17.94 -29.67
N ARG B 357 -34.28 -16.59 -29.68
CA ARG B 357 -35.12 -15.83 -30.59
C ARG B 357 -34.96 -16.29 -32.03
N SER B 358 -33.73 -16.60 -32.46
CA SER B 358 -33.47 -17.01 -33.83
C SER B 358 -34.04 -18.40 -34.12
N VAL B 359 -34.05 -19.27 -33.10
CA VAL B 359 -34.52 -20.64 -33.26
C VAL B 359 -36.03 -20.65 -33.53
N ALA B 360 -36.74 -19.70 -32.92
CA ALA B 360 -38.18 -19.58 -33.07
C ALA B 360 -38.58 -19.33 -34.52
N LEU B 361 -37.65 -18.75 -35.30
CA LEU B 361 -37.96 -18.39 -36.68
C LEU B 361 -37.50 -19.48 -37.66
N MET B 362 -36.89 -20.57 -37.16
CA MET B 362 -36.37 -21.61 -38.03
C MET B 362 -37.51 -22.49 -38.55
N SER B 363 -37.23 -23.14 -39.68
CA SER B 363 -38.18 -24.06 -40.29
C SER B 363 -37.43 -25.20 -40.98
N ASP B 364 -38.12 -26.33 -41.16
CA ASP B 364 -37.56 -27.51 -41.80
C ASP B 364 -36.18 -27.85 -41.23
N PHE B 365 -36.05 -27.85 -39.89
CA PHE B 365 -34.75 -27.95 -39.26
C PHE B 365 -34.49 -29.35 -38.73
N ALA B 366 -33.23 -29.60 -38.38
CA ALA B 366 -32.76 -30.88 -37.88
C ALA B 366 -32.43 -30.77 -36.39
N ALA B 367 -32.65 -31.85 -35.65
CA ALA B 367 -32.47 -31.87 -34.20
C ALA B 367 -32.22 -33.30 -33.76
N GLY B 368 -31.38 -33.50 -32.75
CA GLY B 368 -31.29 -34.81 -32.14
C GLY B 368 -32.67 -35.27 -31.69
N ALA B 369 -32.90 -36.58 -31.76
CA ALA B 369 -34.24 -37.16 -31.62
C ALA B 369 -34.58 -37.53 -30.17
N ASN B 370 -33.63 -37.29 -29.25
CA ASN B 370 -33.69 -37.82 -27.90
C ASN B 370 -33.71 -39.35 -27.95
N ILE B 371 -33.08 -39.88 -28.98
CA ILE B 371 -32.80 -41.31 -29.11
C ILE B 371 -31.37 -41.41 -29.61
N GLU B 372 -30.58 -42.28 -28.97
CA GLU B 372 -29.16 -42.31 -29.25
C GLU B 372 -28.95 -42.53 -30.74
N ASP B 373 -28.11 -41.69 -31.36
CA ASP B 373 -27.68 -41.86 -32.74
C ASP B 373 -28.84 -41.67 -33.72
N LYS B 374 -29.78 -40.78 -33.38
CA LYS B 374 -30.83 -40.44 -34.34
C LYS B 374 -31.10 -38.94 -34.27
N HIS B 375 -31.55 -38.39 -35.41
CA HIS B 375 -32.03 -37.03 -35.50
C HIS B 375 -33.39 -37.03 -36.20
N TYR B 376 -34.21 -36.02 -35.87
CA TYR B 376 -35.33 -35.64 -36.73
C TYR B 376 -34.85 -34.60 -37.75
N PHE B 377 -35.28 -34.78 -39.01
CA PHE B 377 -35.14 -33.80 -40.07
C PHE B 377 -36.54 -33.32 -40.44
N GLY B 378 -36.63 -32.11 -40.97
CA GLY B 378 -37.91 -31.55 -41.41
C GLY B 378 -38.80 -31.08 -40.27
N VAL B 379 -38.20 -30.70 -39.13
CA VAL B 379 -38.97 -30.26 -37.98
C VAL B 379 -39.54 -28.87 -38.25
N ASN B 380 -40.82 -28.69 -37.90
CA ASN B 380 -41.47 -27.39 -37.98
C ASN B 380 -42.28 -27.13 -36.74
N TRP B 381 -42.08 -25.93 -36.18
CA TRP B 381 -42.81 -25.47 -35.01
C TRP B 381 -44.31 -25.45 -35.30
N GLU B 382 -45.09 -25.74 -34.26
CA GLU B 382 -46.55 -25.75 -34.28
C GLU B 382 -47.06 -27.05 -34.90
N ARG B 383 -46.62 -27.34 -36.13
CA ARG B 383 -47.02 -28.56 -36.80
C ARG B 383 -46.56 -29.80 -36.02
N ASP B 384 -45.26 -29.86 -35.71
CA ASP B 384 -44.68 -31.09 -35.18
C ASP B 384 -44.58 -31.06 -33.66
N LEU B 385 -44.51 -29.85 -33.10
CA LEU B 385 -44.42 -29.68 -31.67
C LEU B 385 -44.68 -28.20 -31.37
N PRO B 386 -45.16 -27.87 -30.16
CA PRO B 386 -45.35 -26.48 -29.77
C PRO B 386 -44.02 -25.75 -29.64
N LEU B 387 -44.02 -24.46 -29.98
CA LEU B 387 -42.90 -23.58 -29.68
C LEU B 387 -42.80 -23.38 -28.18
N PRO B 388 -41.63 -23.66 -27.56
CA PRO B 388 -41.42 -23.37 -26.15
C PRO B 388 -41.29 -21.88 -25.88
N GLU B 389 -41.06 -21.53 -24.63
CA GLU B 389 -40.66 -20.18 -24.26
C GLU B 389 -39.47 -19.75 -25.13
N VAL B 390 -39.51 -18.48 -25.56
CA VAL B 390 -38.47 -17.87 -26.35
C VAL B 390 -37.73 -16.86 -25.47
N ALA B 391 -36.40 -16.82 -25.63
CA ALA B 391 -35.59 -15.83 -24.92
C ALA B 391 -34.37 -15.48 -25.76
N ASP B 392 -33.71 -14.37 -25.39
CA ASP B 392 -32.42 -14.04 -25.94
C ASP B 392 -31.38 -14.89 -25.22
N LEU B 393 -30.81 -15.91 -25.89
CA LEU B 393 -29.90 -16.85 -25.25
C LEU B 393 -28.50 -16.85 -25.85
N ARG B 394 -28.36 -16.35 -27.09
CA ARG B 394 -27.15 -16.53 -27.87
C ARG B 394 -26.22 -15.33 -27.71
N ASN B 395 -24.95 -15.52 -28.09
CA ASN B 395 -24.04 -14.39 -28.28
C ASN B 395 -24.35 -13.67 -29.59
N VAL B 396 -24.22 -12.34 -29.59
CA VAL B 396 -24.23 -11.62 -30.85
C VAL B 396 -23.02 -12.04 -31.68
N VAL B 397 -23.11 -11.82 -33.00
CA VAL B 397 -22.01 -12.08 -33.90
C VAL B 397 -21.86 -10.86 -34.82
N GLU B 398 -20.65 -10.70 -35.38
CA GLU B 398 -20.31 -9.58 -36.24
C GLU B 398 -21.39 -9.40 -37.31
N GLY B 399 -21.89 -8.18 -37.49
CA GLY B 399 -22.84 -7.87 -38.54
C GLY B 399 -24.30 -8.06 -38.14
N ASP B 400 -24.57 -8.43 -36.88
CA ASP B 400 -25.94 -8.59 -36.42
C ASP B 400 -26.64 -7.24 -36.35
N PRO B 401 -27.99 -7.23 -36.35
CA PRO B 401 -28.75 -6.00 -36.18
C PRO B 401 -28.57 -5.46 -34.77
N SER B 402 -28.40 -4.14 -34.67
CA SER B 402 -28.32 -3.49 -33.38
C SER B 402 -29.65 -3.67 -32.67
N PRO B 403 -29.65 -4.05 -31.37
CA PRO B 403 -30.88 -4.39 -30.67
C PRO B 403 -31.82 -3.19 -30.44
N ASP B 404 -31.32 -1.97 -30.65
CA ASP B 404 -32.13 -0.77 -30.52
C ASP B 404 -32.76 -0.37 -31.85
N GLY B 405 -32.56 -1.22 -32.89
CA GLY B 405 -33.17 -1.00 -34.19
C GLY B 405 -32.39 -0.03 -35.06
N LYS B 406 -31.22 0.42 -34.59
CA LYS B 406 -30.47 1.46 -35.26
C LYS B 406 -29.07 0.97 -35.56
N GLY B 407 -28.86 0.45 -36.78
CA GLY B 407 -27.54 0.08 -37.27
C GLY B 407 -27.23 -1.40 -37.09
N THR B 408 -25.95 -1.76 -37.32
CA THR B 408 -25.49 -3.12 -37.17
C THR B 408 -24.28 -3.15 -36.22
N LEU B 409 -24.04 -4.33 -35.64
CA LEU B 409 -23.04 -4.50 -34.59
C LEU B 409 -21.67 -4.84 -35.17
N VAL B 410 -20.62 -4.27 -34.55
CA VAL B 410 -19.26 -4.68 -34.79
C VAL B 410 -18.64 -5.08 -33.46
N ILE B 411 -17.78 -6.10 -33.49
CA ILE B 411 -17.15 -6.63 -32.29
C ILE B 411 -15.68 -6.27 -32.32
N LYS B 412 -15.18 -5.73 -31.20
CA LYS B 412 -13.78 -5.34 -31.06
C LYS B 412 -13.21 -6.03 -29.81
N ARG B 413 -11.88 -5.98 -29.66
CA ARG B 413 -11.22 -6.56 -28.51
C ARG B 413 -10.85 -5.44 -27.55
N GLY B 414 -11.09 -5.69 -26.26
CA GLY B 414 -10.85 -4.70 -25.21
C GLY B 414 -10.10 -5.28 -24.01
N ILE B 415 -9.35 -4.40 -23.33
CA ILE B 415 -8.76 -4.72 -22.05
C ILE B 415 -9.57 -3.99 -20.99
N GLU B 416 -10.25 -4.73 -20.11
CA GLU B 416 -11.05 -4.11 -19.06
C GLU B 416 -10.15 -3.39 -18.06
N VAL B 417 -10.28 -2.06 -17.97
CA VAL B 417 -9.51 -1.26 -17.01
C VAL B 417 -10.40 -0.61 -15.95
N GLY B 418 -11.72 -0.55 -16.19
CA GLY B 418 -12.63 0.02 -15.22
C GLY B 418 -13.96 -0.74 -15.19
N HIS B 419 -14.60 -0.76 -14.02
CA HIS B 419 -15.88 -1.44 -13.87
C HIS B 419 -16.65 -0.76 -12.76
N ILE B 420 -17.91 -0.42 -13.04
CA ILE B 420 -18.74 0.25 -12.06
C ILE B 420 -20.03 -0.57 -11.89
N PHE B 421 -20.59 -0.49 -10.68
CA PHE B 421 -21.69 -1.33 -10.28
C PHE B 421 -22.67 -0.59 -9.37
N GLN B 422 -23.96 -0.86 -9.58
CA GLN B 422 -25.01 -0.52 -8.64
C GLN B 422 -25.30 -1.76 -7.81
N LEU B 423 -25.14 -1.63 -6.48
CA LEU B 423 -25.20 -2.77 -5.57
C LEU B 423 -26.54 -2.89 -4.83
N GLY B 424 -27.42 -1.90 -4.98
CA GLY B 424 -28.63 -1.90 -4.17
C GLY B 424 -28.32 -2.01 -2.68
N THR B 425 -29.08 -2.84 -1.96
CA THR B 425 -28.90 -3.05 -0.54
C THR B 425 -28.26 -4.41 -0.27
N LYS B 426 -27.56 -4.99 -1.25
CA LYS B 426 -26.89 -6.27 -1.07
C LYS B 426 -26.03 -6.27 0.21
N TYR B 427 -25.15 -5.27 0.38
CA TYR B 427 -24.28 -5.24 1.54
C TYR B 427 -24.98 -4.64 2.76
N SER B 428 -25.82 -3.62 2.56
CA SER B 428 -26.38 -2.91 3.69
C SER B 428 -27.42 -3.76 4.42
N GLU B 429 -28.14 -4.61 3.68
CA GLU B 429 -29.06 -5.54 4.32
C GLU B 429 -28.29 -6.57 5.15
N ALA B 430 -27.27 -7.19 4.53
CA ALA B 430 -26.52 -8.27 5.18
C ALA B 430 -25.75 -7.78 6.39
N MET B 431 -25.26 -6.53 6.35
CA MET B 431 -24.37 -6.01 7.39
C MET B 431 -25.06 -4.96 8.25
N LYS B 432 -26.37 -4.74 8.01
CA LYS B 432 -27.19 -3.89 8.87
C LYS B 432 -26.64 -2.47 8.89
N LEU B 433 -26.51 -1.91 7.70
CA LEU B 433 -26.17 -0.50 7.52
C LEU B 433 -27.44 0.28 7.20
N SER B 434 -27.92 1.07 8.17
CA SER B 434 -29.12 1.85 7.95
C SER B 434 -29.02 3.19 8.66
N VAL B 435 -29.75 4.15 8.10
CA VAL B 435 -29.78 5.52 8.60
C VAL B 435 -31.25 5.92 8.60
N LEU B 436 -31.67 6.68 9.63
CA LEU B 436 -33.04 7.18 9.64
C LEU B 436 -33.18 8.22 8.54
N SER B 437 -34.27 8.11 7.78
CA SER B 437 -34.69 9.15 6.86
C SER B 437 -35.07 10.40 7.65
N GLU B 438 -35.39 11.47 6.94
N GLU B 438 -35.38 11.48 6.94
CA GLU B 438 -35.84 12.71 7.59
CA GLU B 438 -35.86 12.70 7.57
C GLU B 438 -37.16 12.46 8.32
C GLU B 438 -37.10 12.37 8.40
N GLN B 439 -37.89 11.41 7.90
CA GLN B 439 -39.17 11.04 8.49
C GLN B 439 -38.99 10.07 9.66
N GLY B 440 -37.75 9.62 9.91
CA GLY B 440 -37.45 8.75 11.03
C GLY B 440 -37.67 7.27 10.71
N LYS B 441 -37.77 6.95 9.42
CA LYS B 441 -37.91 5.57 8.95
C LYS B 441 -36.52 5.01 8.64
N PRO B 442 -36.13 3.84 9.18
CA PRO B 442 -34.81 3.27 8.88
C PRO B 442 -34.74 2.90 7.41
N VAL B 443 -33.63 3.27 6.76
CA VAL B 443 -33.39 3.00 5.35
C VAL B 443 -32.06 2.24 5.24
N ASN B 444 -32.10 1.05 4.67
CA ASN B 444 -30.88 0.35 4.30
C ASN B 444 -30.23 1.13 3.16
N LEU B 445 -28.95 1.48 3.32
CA LEU B 445 -28.32 2.40 2.38
C LEU B 445 -28.11 1.68 1.05
N ILE B 446 -28.39 2.42 -0.03
CA ILE B 446 -28.22 1.92 -1.39
C ILE B 446 -26.81 2.29 -1.82
N MET B 447 -26.08 1.33 -2.41
CA MET B 447 -24.65 1.49 -2.61
C MET B 447 -24.24 1.28 -4.08
N GLY B 448 -23.19 2.02 -4.48
CA GLY B 448 -22.48 1.78 -5.71
C GLY B 448 -21.00 1.53 -5.41
N CYS B 449 -20.30 0.87 -6.33
CA CYS B 449 -18.85 0.75 -6.23
C CYS B 449 -18.24 0.84 -7.62
N TYR B 450 -16.98 1.30 -7.64
CA TYR B 450 -16.36 1.81 -8.84
C TYR B 450 -14.88 1.47 -8.72
N GLY B 451 -14.38 0.67 -9.65
CA GLY B 451 -12.99 0.24 -9.65
C GLY B 451 -12.25 0.51 -10.95
N ILE B 452 -11.00 0.96 -10.80
CA ILE B 452 -10.06 1.08 -11.90
C ILE B 452 -8.82 0.25 -11.56
N GLY B 453 -8.38 -0.57 -12.51
CA GLY B 453 -7.16 -1.34 -12.40
C GLY B 453 -5.98 -0.46 -12.80
N VAL B 454 -5.39 0.19 -11.79
CA VAL B 454 -4.39 1.21 -12.00
C VAL B 454 -3.12 0.58 -12.56
N SER B 455 -2.66 -0.54 -11.98
CA SER B 455 -1.44 -1.12 -12.52
C SER B 455 -1.71 -1.77 -13.88
N ARG B 456 -2.93 -2.30 -14.07
CA ARG B 456 -3.32 -2.84 -15.37
C ARG B 456 -3.30 -1.77 -16.47
N VAL B 457 -3.77 -0.56 -16.17
CA VAL B 457 -3.78 0.57 -17.10
C VAL B 457 -2.40 0.80 -17.71
N VAL B 458 -1.34 0.70 -16.90
CA VAL B 458 0.01 0.95 -17.40
C VAL B 458 0.36 -0.03 -18.51
N ALA B 459 0.02 -1.30 -18.30
CA ALA B 459 0.33 -2.33 -19.29
C ALA B 459 -0.61 -2.15 -20.50
N ALA B 460 -1.88 -1.83 -20.24
CA ALA B 460 -2.87 -1.68 -21.32
C ALA B 460 -2.44 -0.57 -22.27
N ALA B 461 -1.85 0.50 -21.73
CA ALA B 461 -1.34 1.59 -22.54
C ALA B 461 -0.34 1.09 -23.58
N ILE B 462 0.54 0.15 -23.18
CA ILE B 462 1.56 -0.36 -24.07
C ILE B 462 0.96 -1.34 -25.07
N GLU B 463 0.00 -2.15 -24.62
CA GLU B 463 -0.69 -3.07 -25.51
C GLU B 463 -1.25 -2.30 -26.70
N GLN B 464 -1.74 -1.09 -26.43
CA GLN B 464 -2.35 -0.25 -27.44
C GLN B 464 -1.31 0.54 -28.23
N ASN B 465 -0.22 0.97 -27.57
CA ASN B 465 0.71 1.95 -28.12
C ASN B 465 2.14 1.42 -28.04
N HIS B 466 2.61 0.83 -29.16
CA HIS B 466 3.98 0.33 -29.26
C HIS B 466 4.38 0.26 -30.73
N ASP B 467 5.69 0.19 -30.99
CA ASP B 467 6.19 0.01 -32.35
C ASP B 467 7.44 -0.85 -32.30
N GLU B 468 8.10 -1.00 -33.45
CA GLU B 468 9.24 -1.89 -33.59
C GLU B 468 10.43 -1.40 -32.75
N ARG B 469 10.41 -0.14 -32.32
CA ARG B 469 11.50 0.43 -31.55
C ARG B 469 11.19 0.41 -30.05
N GLY B 470 9.95 0.03 -29.68
CA GLY B 470 9.59 -0.19 -28.28
C GLY B 470 8.32 0.57 -27.88
N ILE B 471 8.35 1.15 -26.67
CA ILE B 471 7.16 1.75 -26.09
C ILE B 471 6.88 3.11 -26.72
N LEU B 472 5.59 3.38 -26.92
CA LEU B 472 5.06 4.70 -27.21
C LEU B 472 4.12 5.11 -26.09
N TRP B 473 4.55 6.03 -25.22
CA TRP B 473 3.69 6.48 -24.12
C TRP B 473 2.78 7.59 -24.61
N PRO B 474 1.50 7.64 -24.19
CA PRO B 474 0.75 8.89 -24.20
C PRO B 474 1.53 9.94 -23.41
N SER B 475 1.37 11.21 -23.76
CA SER B 475 2.18 12.26 -23.17
C SER B 475 2.05 12.27 -21.65
N ALA B 476 0.86 11.95 -21.12
CA ALA B 476 0.62 11.97 -19.70
C ALA B 476 1.38 10.87 -18.95
N LEU B 477 1.82 9.81 -19.64
CA LEU B 477 2.39 8.64 -18.99
C LEU B 477 3.91 8.61 -19.10
N ALA B 478 4.50 9.37 -20.05
CA ALA B 478 5.93 9.25 -20.30
C ALA B 478 6.70 9.47 -19.00
N PRO B 479 7.67 8.59 -18.63
CA PRO B 479 8.40 8.75 -17.38
C PRO B 479 9.26 10.01 -17.34
N PHE B 480 9.79 10.39 -18.51
CA PHE B 480 10.48 11.65 -18.68
C PHE B 480 9.98 12.30 -19.96
N GLN B 481 10.10 13.63 -20.05
CA GLN B 481 9.72 14.36 -21.25
C GLN B 481 10.88 14.47 -22.24
N ILE B 482 12.12 14.56 -21.76
CA ILE B 482 13.27 14.83 -22.61
C ILE B 482 14.43 13.94 -22.19
N ALA B 483 15.08 13.28 -23.16
CA ALA B 483 16.35 12.63 -22.93
C ALA B 483 17.48 13.50 -23.47
N LEU B 484 18.44 13.86 -22.60
CA LEU B 484 19.68 14.49 -23.03
C LEU B 484 20.74 13.43 -23.30
N VAL B 485 21.21 13.38 -24.55
CA VAL B 485 22.19 12.40 -24.96
C VAL B 485 23.44 13.15 -25.43
N PRO B 486 24.36 13.50 -24.50
CA PRO B 486 25.64 14.06 -24.89
C PRO B 486 26.49 12.94 -25.49
N LEU B 487 27.21 13.22 -26.60
CA LEU B 487 27.88 12.16 -27.34
C LEU B 487 29.19 11.78 -26.62
N LYS B 488 29.91 12.79 -26.10
CA LYS B 488 31.11 12.57 -25.30
C LYS B 488 31.06 13.47 -24.07
N TYR B 489 30.44 12.96 -22.99
CA TYR B 489 30.09 13.75 -21.81
C TYR B 489 31.32 14.10 -20.99
N GLU B 490 32.42 13.35 -21.18
CA GLU B 490 33.68 13.60 -20.51
C GLU B 490 34.32 14.89 -21.02
N THR B 491 33.99 15.30 -22.26
CA THR B 491 34.47 16.55 -22.83
C THR B 491 33.85 17.73 -22.09
N GLU B 492 34.69 18.62 -21.55
CA GLU B 492 34.26 19.62 -20.60
C GLU B 492 33.22 20.55 -21.22
N SER B 493 33.42 20.94 -22.48
CA SER B 493 32.48 21.83 -23.15
C SER B 493 31.10 21.18 -23.21
N VAL B 494 31.08 19.88 -23.53
CA VAL B 494 29.85 19.12 -23.63
C VAL B 494 29.21 18.98 -22.25
N LYS B 495 30.03 18.69 -21.23
CA LYS B 495 29.54 18.45 -19.87
C LYS B 495 28.85 19.70 -19.34
N GLN B 496 29.49 20.85 -19.55
CA GLN B 496 28.99 22.13 -19.06
C GLN B 496 27.72 22.53 -19.81
N ALA B 497 27.70 22.34 -21.13
CA ALA B 497 26.54 22.72 -21.94
C ALA B 497 25.34 21.84 -21.57
N THR B 498 25.60 20.52 -21.45
CA THR B 498 24.56 19.54 -21.12
C THR B 498 24.00 19.83 -19.72
N ASP B 499 24.90 20.06 -18.76
CA ASP B 499 24.50 20.30 -17.38
C ASP B 499 23.69 21.59 -17.31
N LYS B 500 24.14 22.63 -18.04
CA LYS B 500 23.40 23.87 -18.12
C LYS B 500 22.00 23.60 -18.67
N LEU B 501 21.95 22.81 -19.75
CA LEU B 501 20.70 22.47 -20.41
C LEU B 501 19.78 21.74 -19.43
N TYR B 502 20.31 20.72 -18.75
CA TYR B 502 19.59 20.00 -17.71
C TYR B 502 18.99 20.99 -16.70
N ALA B 503 19.81 21.93 -16.23
CA ALA B 503 19.37 22.90 -15.23
C ALA B 503 18.25 23.79 -15.77
N GLU B 504 18.43 24.34 -16.98
CA GLU B 504 17.45 25.24 -17.57
C GLU B 504 16.12 24.51 -17.76
N LEU B 505 16.19 23.35 -18.42
CA LEU B 505 15.03 22.50 -18.67
C LEU B 505 14.31 22.16 -17.36
N THR B 506 15.07 21.69 -16.37
CA THR B 506 14.50 21.31 -15.09
C THR B 506 13.85 22.53 -14.44
N ALA B 507 14.54 23.69 -14.55
CA ALA B 507 14.06 24.94 -13.98
C ALA B 507 12.72 25.36 -14.62
N ALA B 508 12.56 25.09 -15.92
CA ALA B 508 11.34 25.46 -16.63
C ALA B 508 10.21 24.44 -16.37
N GLY B 509 10.50 23.43 -15.54
CA GLY B 509 9.49 22.51 -15.04
C GLY B 509 9.43 21.19 -15.81
N PHE B 510 10.43 20.92 -16.66
CA PHE B 510 10.42 19.73 -17.49
C PHE B 510 11.18 18.60 -16.82
N GLU B 511 10.78 17.36 -17.12
CA GLU B 511 11.37 16.18 -16.52
C GLU B 511 12.39 15.61 -17.51
N VAL B 512 13.66 15.58 -17.08
CA VAL B 512 14.78 15.33 -17.97
C VAL B 512 15.56 14.12 -17.47
N LEU B 513 15.85 13.21 -18.39
CA LEU B 513 16.80 12.13 -18.16
C LEU B 513 18.09 12.47 -18.89
N LEU B 514 19.21 12.39 -18.16
CA LEU B 514 20.52 12.67 -18.71
C LEU B 514 21.24 11.34 -18.92
N ASP B 515 21.57 11.03 -20.18
CA ASP B 515 22.33 9.82 -20.44
C ASP B 515 23.81 10.10 -20.15
N ASP B 516 24.29 9.58 -19.02
CA ASP B 516 25.61 9.90 -18.50
C ASP B 516 26.59 8.75 -18.76
N ARG B 517 26.18 7.74 -19.54
CA ARG B 517 26.94 6.52 -19.66
C ARG B 517 28.21 6.76 -20.48
N ASP B 518 29.23 5.92 -20.26
CA ASP B 518 30.57 6.11 -20.80
C ASP B 518 30.68 5.47 -22.20
N LYS B 519 31.90 5.55 -22.76
CA LYS B 519 32.19 5.22 -24.15
C LYS B 519 31.82 3.76 -24.47
N LYS B 520 31.84 2.90 -23.46
CA LYS B 520 31.47 1.49 -23.64
C LYS B 520 30.01 1.35 -24.08
N THR B 521 29.21 2.42 -23.99
CA THR B 521 27.87 2.43 -24.56
C THR B 521 27.83 3.34 -25.78
N SER B 522 27.65 2.75 -26.98
CA SER B 522 27.66 3.50 -28.22
C SER B 522 26.48 4.47 -28.29
N PRO B 523 26.58 5.55 -29.09
CA PRO B 523 25.46 6.48 -29.25
C PRO B 523 24.24 5.81 -29.88
N GLY B 524 24.50 4.74 -30.66
CA GLY B 524 23.45 3.96 -31.29
C GLY B 524 22.58 3.26 -30.24
N VAL B 525 23.25 2.63 -29.27
CA VAL B 525 22.59 1.97 -28.15
C VAL B 525 21.83 3.00 -27.30
N LYS B 526 22.43 4.17 -27.08
CA LYS B 526 21.79 5.22 -26.28
C LYS B 526 20.47 5.66 -26.93
N PHE B 527 20.52 5.89 -28.24
CA PHE B 527 19.34 6.28 -29.00
C PHE B 527 18.28 5.17 -28.93
N ALA B 528 18.70 3.92 -29.06
CA ALA B 528 17.76 2.80 -29.07
C ALA B 528 17.11 2.63 -27.70
N ASP B 529 17.90 2.88 -26.63
CA ASP B 529 17.42 2.73 -25.27
C ASP B 529 16.36 3.79 -24.97
N MET B 530 16.62 5.05 -25.37
CA MET B 530 15.70 6.14 -25.09
C MET B 530 14.38 5.91 -25.82
N GLU B 531 14.44 5.27 -27.00
CA GLU B 531 13.25 5.01 -27.77
C GLU B 531 12.50 3.81 -27.18
N LEU B 532 13.22 2.77 -26.73
CA LEU B 532 12.63 1.60 -26.09
C LEU B 532 11.77 2.02 -24.89
N ILE B 533 12.33 2.86 -24.03
CA ILE B 533 11.67 3.25 -22.80
C ILE B 533 10.57 4.27 -23.09
N GLY B 534 10.54 4.81 -24.33
CA GLY B 534 9.44 5.61 -24.81
C GLY B 534 9.54 7.10 -24.48
N ILE B 535 10.76 7.63 -24.27
CA ILE B 535 10.86 9.05 -24.01
C ILE B 535 10.54 9.82 -25.30
N PRO B 536 9.60 10.80 -25.25
CA PRO B 536 9.07 11.40 -26.47
C PRO B 536 9.99 12.39 -27.20
N HIS B 537 11.02 12.91 -26.51
CA HIS B 537 11.90 13.91 -27.11
C HIS B 537 13.33 13.65 -26.71
N ARG B 538 14.26 13.83 -27.66
CA ARG B 538 15.66 13.77 -27.31
C ARG B 538 16.36 15.03 -27.82
N ILE B 539 17.39 15.42 -27.07
CA ILE B 539 18.33 16.45 -27.48
C ILE B 539 19.71 15.81 -27.43
N VAL B 540 20.42 15.83 -28.57
CA VAL B 540 21.77 15.35 -28.64
C VAL B 540 22.72 16.56 -28.62
N ILE B 541 23.72 16.50 -27.73
CA ILE B 541 24.72 17.53 -27.57
C ILE B 541 26.05 16.95 -28.05
N SER B 542 26.64 17.54 -29.09
CA SER B 542 28.00 17.21 -29.52
C SER B 542 28.86 18.48 -29.55
N ASP B 543 30.19 18.27 -29.51
CA ASP B 543 31.12 19.40 -29.54
C ASP B 543 31.04 20.08 -30.90
N ARG B 544 31.06 19.30 -31.98
CA ARG B 544 30.81 19.79 -33.33
C ARG B 544 29.56 20.67 -33.33
N GLY B 545 28.45 20.14 -32.79
CA GLY B 545 27.20 20.90 -32.72
C GLY B 545 27.37 22.21 -31.96
N LEU B 546 28.02 22.13 -30.79
CA LEU B 546 28.24 23.30 -29.94
C LEU B 546 29.12 24.33 -30.65
N SER B 547 30.04 23.85 -31.50
CA SER B 547 30.91 24.72 -32.28
C SER B 547 30.11 25.49 -33.32
N GLU B 548 29.08 24.86 -33.89
CA GLU B 548 28.22 25.47 -34.90
C GLU B 548 26.99 26.10 -34.26
N GLY B 549 26.97 26.13 -32.91
CA GLY B 549 25.87 26.71 -32.17
C GLY B 549 24.53 26.00 -32.41
N VAL B 550 24.57 24.69 -32.65
CA VAL B 550 23.37 23.91 -32.91
C VAL B 550 23.31 22.69 -31.99
N LEU B 551 22.09 22.35 -31.57
CA LEU B 551 21.78 21.08 -30.91
C LEU B 551 20.93 20.24 -31.86
N GLU B 552 20.98 18.92 -31.69
CA GLU B 552 20.30 17.96 -32.55
C GLU B 552 19.09 17.39 -31.82
N TYR B 553 17.89 17.62 -32.37
CA TYR B 553 16.63 17.20 -31.77
C TYR B 553 15.99 16.08 -32.58
N LYS B 554 15.24 15.20 -31.90
CA LYS B 554 14.37 14.23 -32.56
C LYS B 554 13.21 13.87 -31.64
N GLY B 555 11.99 13.91 -32.19
CA GLY B 555 10.82 13.31 -31.55
C GLY B 555 10.81 11.79 -31.69
N ARG B 556 10.16 11.11 -30.75
CA ARG B 556 10.10 9.65 -30.70
C ARG B 556 9.39 9.08 -31.93
N ARG B 557 8.43 9.85 -32.45
CA ARG B 557 7.59 9.39 -33.55
C ARG B 557 8.07 9.95 -34.88
N ASP B 558 9.18 10.70 -34.86
CA ASP B 558 9.72 11.36 -36.05
C ASP B 558 10.63 10.41 -36.82
N SER B 559 10.67 10.60 -38.14
CA SER B 559 11.52 9.83 -39.03
C SER B 559 12.96 10.33 -38.97
N GLU B 560 13.15 11.65 -38.89
CA GLU B 560 14.47 12.26 -38.97
C GLU B 560 14.66 13.29 -37.86
N SER B 561 15.91 13.42 -37.41
CA SER B 561 16.32 14.48 -36.51
C SER B 561 16.42 15.80 -37.27
N GLN B 562 16.59 16.90 -36.53
CA GLN B 562 16.79 18.21 -37.11
C GLN B 562 17.72 19.03 -36.20
N ASN B 563 18.33 20.07 -36.77
CA ASN B 563 19.30 20.87 -36.04
C ASN B 563 18.65 22.15 -35.55
N LEU B 564 18.50 22.27 -34.23
CA LEU B 564 17.94 23.46 -33.62
C LEU B 564 19.10 24.41 -33.27
N PRO B 565 18.96 25.73 -33.51
CA PRO B 565 19.97 26.69 -33.06
C PRO B 565 20.03 26.73 -31.54
N ILE B 566 21.25 26.56 -31.00
CA ILE B 566 21.48 26.34 -29.59
C ILE B 566 20.73 27.35 -28.74
N GLY B 567 20.33 28.48 -29.35
CA GLY B 567 19.68 29.57 -28.63
C GLY B 567 18.16 29.44 -28.58
N GLU B 568 17.56 28.90 -29.64
CA GLU B 568 16.11 28.85 -29.76
C GLU B 568 15.56 27.51 -29.26
N LEU B 569 16.40 26.70 -28.62
CA LEU B 569 16.01 25.38 -28.14
C LEU B 569 14.89 25.48 -27.09
N MET B 570 15.00 26.45 -26.17
CA MET B 570 14.08 26.55 -25.04
C MET B 570 12.67 26.88 -25.51
N SER B 571 12.55 27.83 -26.46
CA SER B 571 11.28 28.18 -27.05
C SER B 571 10.70 26.98 -27.81
N PHE B 572 11.58 26.26 -28.52
CA PHE B 572 11.20 25.14 -29.37
C PHE B 572 10.67 23.99 -28.50
N ILE B 573 11.48 23.59 -27.51
CA ILE B 573 11.11 22.53 -26.57
C ILE B 573 9.82 22.91 -25.86
N THR B 574 9.71 24.17 -25.40
CA THR B 574 8.56 24.61 -24.64
C THR B 574 7.28 24.46 -25.45
N GLU B 575 7.35 24.75 -26.76
CA GLU B 575 6.20 24.65 -27.65
C GLU B 575 5.78 23.19 -27.78
N LYS B 576 6.76 22.29 -27.92
CA LYS B 576 6.49 20.87 -28.11
C LYS B 576 5.80 20.29 -26.88
N LEU B 577 6.01 20.91 -25.71
CA LEU B 577 5.52 20.37 -24.45
C LEU B 577 4.39 21.23 -23.88
N SER B 578 3.86 22.17 -24.69
CA SER B 578 2.83 23.10 -24.25
C SER B 578 1.44 22.63 -24.67
N ARG B 579 1.36 21.52 -25.42
CA ARG B 579 0.09 21.04 -25.96
C ARG B 579 -0.61 20.16 -24.92
#